data_3UGM
#
_entry.id   3UGM
#
_cell.length_a   95.578
_cell.length_b   248.481
_cell.length_c   54.646
_cell.angle_alpha   90.00
_cell.angle_beta   90.00
_cell.angle_gamma   90.00
#
_symmetry.space_group_name_H-M   'P 21 21 21'
#
loop_
_entity.id
_entity.type
_entity.pdbx_description
1 polymer 'TAL effector AvrBs3/PthA'
2 polymer DNA-1
3 polymer DNA-2
4 water water
#
loop_
_entity_poly.entity_id
_entity_poly.type
_entity_poly.pdbx_seq_one_letter_code
_entity_poly.pdbx_strand_id
1 'polypeptide(L)'
;MASSHHHHHHSSGLVPRGSSGSSMAARPPRAKPAPRRRAAQPSDASPAAQVDLRTLGYSQQQQEKIKPKVRSTVAQHHEA
LVGHGFTHAHIVALSQHPAALGTVAVTYQHIITALPEATHEDIVGVGKQWSGARALEALLTDAGELRGPPLQLDTGQLVK
IAKRGGVTAMEAVHASRNALTGAPLNLTPAQVVAIASNNGGKQALETVQRLLPVLCQAHGLTPAQVVAIASHDGGKQALE
TMQRLLPVLCQAHGLPPDQVVAIASNIGGKQALETVQRLLPVLCQAHGLTPDQVVAIASHGGGKQALETVQRLLPVLCQA
HGLTPDQVVAIASHDGGKQALETVQRLLPVLCQAHGLTPDQVVAIASNGGGKQALETVQRLLPVLCQAHGLTPDQVVAIA
SNGGKQALETVQRLLPVLCQAHGLTPDQVVAIASHDGGKQALETVQRLLPVLCQTHGLTPAQVVAIASHDGGKQALETVQ
QLLPVLCQAHGLTPDQVVAIASNIGGKQALATVQRLLPVLCQAHGLTPDQVVAIASNGGGKQALETVQRLLPVLCQAHGL
TPDQVVAIASNGGGKQALETVQRLLPVLCQAHGLTQVQVVAIASNIGGKQALETVQRLLPVLCQAHGLTPAQVVAIASHD
GGKQALETVQRLLPVLCQAHGLTPDQVVAIASNGGGKQALETVQRLLPVLCQAHGLTQEQVVAIASNNGGKQALETVQRL
LPVLCQAHGLTPDQVVAIASNGGGKQALETVQRLLPVLCQAHGLTPAQVVAIASNIGGKQALETVQRLLPVLCQDHGLTL
AQVVAIASNIGGKQALETVQRLLPVLCQAHGLTQDQVVAIASNIGGKQALETVQRLLPVLCQDHGLTPDQVVAIASNIGG
KQALETVQRLLPVLCQDHGLTLDQVVAIASNGGKQALETVQRLLPVLCQDHGLTPDQVVAIASNSGGKQALETVQRLLPV
LCQDHGLTPNQVVAIASNGGKQALESIVAQLSRPDPALAALTNDHLVALACLGGRPAMDAVKKGLPHAPELIRRVNRRIG
ERTSHRV
;
A
2 'polydeoxyribonucleotide'
;(DT)(DA)(DG)(DA)(DT)(DA)(DT)(DG)(DC)(DA)(DT)(DC)(DT)(DC)(DC)(DC)(DC)(DC)(DT)(DA)
(DC)(DT)(DG)(DT)(DA)(DC)(DA)(DC)(DC)(DA)(DC)(DC)(DA)(DA)(DA)(DA)(DG)(DT)
;
B
3 'polydeoxyribonucleotide'
;(DT)(DT)(DT)(DT)(DG)(DG)(DT)(DG)(DG)(DT)(DG)(DT)(DA)(DC)(DA)(DG)(DT)(DA)(DG)(DG)
(DG)(DG)(DG)(DA)(DG)(DA)(DT)(DG)(DC)(DA)(DT)(DA)(DT)(DC)(DT)(DA)(DA)(DC)
;
C
#
loop_
_chem_comp.id
_chem_comp.type
_chem_comp.name
_chem_comp.formula
DA DNA linking 2'-DEOXYADENOSINE-5'-MONOPHOSPHATE 'C10 H14 N5 O6 P'
DC DNA linking 2'-DEOXYCYTIDINE-5'-MONOPHOSPHATE 'C9 H14 N3 O7 P'
DG DNA linking 2'-DEOXYGUANOSINE-5'-MONOPHOSPHATE 'C10 H14 N5 O7 P'
DT DNA linking THYMIDINE-5'-MONOPHOSPHATE 'C10 H15 N2 O8 P'
#
# COMPACT_ATOMS: atom_id res chain seq x y z
N LYS A 67 -41.92 -33.13 15.84
CA LYS A 67 -40.98 -32.37 16.59
C LYS A 67 -40.21 -31.30 15.87
N PRO A 68 -40.81 -30.12 15.91
CA PRO A 68 -40.77 -29.12 14.98
C PRO A 68 -39.71 -28.26 15.22
N LYS A 69 -38.66 -28.37 14.44
CA LYS A 69 -37.61 -27.47 14.45
C LYS A 69 -38.45 -26.40 14.11
N VAL A 70 -38.69 -25.45 14.94
CA VAL A 70 -39.71 -24.41 14.63
C VAL A 70 -39.24 -23.38 13.62
N ARG A 71 -39.91 -22.26 13.53
CA ARG A 71 -39.91 -21.22 12.51
C ARG A 71 -39.31 -19.79 12.75
N GLU A 79 -45.71 -27.89 2.59
CA GLU A 79 -45.45 -28.53 1.35
C GLU A 79 -44.10 -28.06 0.75
N LEU A 81 -42.19 -30.28 3.79
CA LEU A 81 -41.27 -31.33 3.91
C LEU A 81 -41.63 -32.18 2.82
N VAL A 82 -41.67 -33.45 3.15
CA VAL A 82 -42.02 -34.51 2.30
C VAL A 82 -42.89 -35.28 3.23
N ALA A 89 -38.97 -41.27 2.44
CA ALA A 89 -40.01 -40.47 2.16
C ALA A 89 -40.26 -40.02 3.40
N HIS A 90 -39.23 -39.71 4.12
CA HIS A 90 -39.12 -39.02 5.44
C HIS A 90 -39.44 -37.54 5.61
N ILE A 91 -40.04 -37.13 6.69
CA ILE A 91 -40.26 -35.73 6.78
C ILE A 91 -38.88 -35.30 6.68
N VAL A 92 -38.66 -34.01 6.46
CA VAL A 92 -37.32 -33.47 6.34
C VAL A 92 -36.23 -33.92 7.28
N ALA A 93 -36.50 -33.88 8.58
CA ALA A 93 -35.53 -34.30 9.58
C ALA A 93 -35.44 -35.81 9.47
N LEU A 94 -34.61 -36.28 8.54
CA LEU A 94 -34.44 -37.70 8.32
C LEU A 94 -33.12 -38.21 8.88
N SER A 95 -32.06 -38.12 8.10
CA SER A 95 -30.74 -38.56 8.53
C SER A 95 -30.38 -37.24 9.17
N GLN A 96 -30.55 -37.16 10.49
CA GLN A 96 -30.24 -35.95 11.24
C GLN A 96 -28.81 -35.59 10.87
N HIS A 97 -28.65 -34.47 10.17
CA HIS A 97 -27.33 -34.01 9.74
C HIS A 97 -27.27 -32.53 10.09
N PRO A 98 -28.29 -31.78 9.66
CA PRO A 98 -28.36 -30.40 9.92
C PRO A 98 -29.47 -29.71 9.60
N ALA A 99 -29.58 -28.50 9.85
CA ALA A 99 -30.83 -28.11 9.88
C ALA A 99 -30.93 -27.22 8.93
N ALA A 100 -29.84 -27.24 8.18
CA ALA A 100 -29.27 -26.43 7.20
C ALA A 100 -30.08 -26.97 6.16
N LEU A 101 -31.35 -26.53 6.00
CA LEU A 101 -32.44 -26.92 5.00
C LEU A 101 -33.68 -25.97 5.17
N GLY A 102 -34.46 -25.79 4.11
CA GLY A 102 -34.21 -26.41 2.82
C GLY A 102 -33.00 -25.73 2.20
N THR A 103 -32.38 -26.34 1.20
CA THR A 103 -32.82 -27.58 0.61
C THR A 103 -34.07 -27.87 -0.18
N VAL A 104 -34.48 -26.92 -1.01
CA VAL A 104 -35.68 -27.08 -1.82
C VAL A 104 -35.82 -27.70 -3.21
N ALA A 105 -34.89 -28.56 -3.62
CA ALA A 105 -34.96 -29.06 -4.88
C ALA A 105 -35.95 -30.12 -4.65
N VAL A 106 -36.58 -29.85 -3.51
CA VAL A 106 -37.53 -30.72 -2.89
C VAL A 106 -36.95 -32.07 -3.19
N THR A 107 -35.67 -32.30 -2.90
CA THR A 107 -35.23 -33.48 -3.37
C THR A 107 -33.90 -33.61 -2.69
N TYR A 108 -33.83 -34.70 -2.04
CA TYR A 108 -33.27 -35.09 -0.89
C TYR A 108 -32.36 -36.21 -0.73
N GLN A 109 -32.74 -37.45 -0.90
CA GLN A 109 -31.92 -38.55 -0.30
C GLN A 109 -30.36 -38.37 -0.38
N HIS A 110 -29.65 -38.50 0.77
CA HIS A 110 -28.60 -39.37 1.00
C HIS A 110 -29.27 -40.63 1.27
N ILE A 111 -28.76 -41.70 0.69
CA ILE A 111 -27.73 -41.63 -0.36
C ILE A 111 -26.49 -40.72 -0.27
N ILE A 112 -25.54 -41.11 0.59
CA ILE A 112 -24.18 -40.78 0.52
C ILE A 112 -23.15 -41.59 0.49
N THR A 113 -22.20 -41.24 -0.35
CA THR A 113 -21.14 -42.16 -0.79
C THR A 113 -19.98 -41.23 -0.90
N ALA A 114 -19.66 -40.71 0.27
CA ALA A 114 -19.13 -39.48 0.43
C ALA A 114 -18.21 -38.73 -0.41
N LEU A 115 -17.08 -39.37 -0.51
CA LEU A 115 -15.87 -38.98 -1.16
C LEU A 115 -15.56 -37.58 -0.76
N ALA A 118 -17.24 -34.58 0.44
CA ALA A 118 -16.72 -33.37 1.06
C ALA A 118 -17.66 -32.88 2.18
N THR A 119 -17.42 -31.66 2.64
CA THR A 119 -18.23 -31.07 3.70
C THR A 119 -19.72 -31.26 3.42
N HIS A 120 -20.55 -30.89 4.38
CA HIS A 120 -21.95 -31.01 4.25
C HIS A 120 -22.29 -29.73 3.50
N GLU A 121 -21.62 -28.64 3.85
CA GLU A 121 -21.85 -27.33 3.23
C GLU A 121 -21.78 -27.28 1.70
N ASP A 122 -21.00 -28.20 1.13
CA ASP A 122 -20.82 -28.32 -0.32
C ASP A 122 -21.99 -29.05 -0.97
N ILE A 123 -22.09 -30.36 -0.74
CA ILE A 123 -23.18 -31.19 -1.28
C ILE A 123 -24.57 -30.54 -1.06
N VAL A 124 -24.83 -30.04 0.14
CA VAL A 124 -26.05 -29.28 0.39
C VAL A 124 -26.08 -28.11 -0.58
N GLY A 125 -24.99 -27.34 -0.62
CA GLY A 125 -24.90 -26.22 -1.53
C GLY A 125 -25.13 -26.59 -2.99
N VAL A 126 -25.27 -27.87 -3.29
CA VAL A 126 -25.46 -28.35 -4.66
C VAL A 126 -26.86 -28.91 -4.92
N GLY A 127 -27.42 -29.61 -3.94
CA GLY A 127 -28.78 -30.08 -4.06
C GLY A 127 -29.67 -28.92 -3.64
N LYS A 128 -29.17 -27.69 -3.67
CA LYS A 128 -29.99 -26.51 -3.34
C LYS A 128 -30.49 -25.93 -4.69
N GLN A 129 -29.86 -26.41 -5.76
CA GLN A 129 -29.98 -25.90 -7.13
C GLN A 129 -30.95 -26.58 -8.01
N TRP A 130 -31.47 -25.91 -9.04
CA TRP A 130 -32.28 -26.62 -10.03
C TRP A 130 -31.31 -27.79 -10.41
N SER A 131 -31.83 -28.98 -10.60
CA SER A 131 -30.98 -30.15 -10.98
C SER A 131 -30.03 -30.66 -9.90
N GLY A 132 -30.37 -30.45 -8.64
CA GLY A 132 -29.52 -30.86 -7.52
C GLY A 132 -29.13 -32.31 -7.47
N ALA A 133 -30.12 -33.17 -7.21
CA ALA A 133 -29.89 -34.61 -7.17
C ALA A 133 -29.17 -35.13 -8.39
N ARG A 134 -29.74 -34.89 -9.57
CA ARG A 134 -29.13 -35.39 -10.80
C ARG A 134 -27.73 -34.93 -10.98
N ALA A 135 -27.44 -33.79 -10.34
CA ALA A 135 -26.08 -33.26 -10.34
C ALA A 135 -25.21 -34.08 -9.34
N LEU A 136 -25.77 -34.49 -8.19
CA LEU A 136 -24.99 -35.26 -7.20
C LEU A 136 -24.59 -36.65 -7.72
N GLU A 137 -25.52 -37.25 -8.47
CA GLU A 137 -25.36 -38.58 -9.10
C GLU A 137 -24.40 -38.56 -10.31
N ALA A 138 -24.56 -37.57 -11.18
CA ALA A 138 -23.65 -37.42 -12.32
C ALA A 138 -22.22 -37.28 -11.76
N LEU A 139 -22.08 -36.44 -10.72
CA LEU A 139 -20.82 -36.21 -10.03
C LEU A 139 -20.24 -37.59 -9.69
N LEU A 140 -21.13 -38.49 -9.23
CA LEU A 140 -20.72 -39.86 -8.89
C LEU A 140 -20.14 -40.63 -10.08
N THR A 141 -20.63 -40.37 -11.30
CA THR A 141 -20.10 -41.05 -12.48
C THR A 141 -18.75 -40.45 -12.96
N ASP A 142 -18.55 -39.15 -12.72
CA ASP A 142 -17.26 -38.47 -13.07
C ASP A 142 -16.21 -38.60 -11.90
N ALA A 143 -16.70 -38.70 -10.65
CA ALA A 143 -15.85 -38.80 -9.46
C ALA A 143 -15.22 -40.18 -9.29
N GLY A 144 -15.98 -41.23 -9.62
CA GLY A 144 -15.47 -42.58 -9.62
C GLY A 144 -14.60 -42.62 -10.87
N GLU A 145 -15.07 -41.92 -11.92
CA GLU A 145 -14.34 -41.76 -13.16
C GLU A 145 -13.35 -40.64 -12.88
N LEU A 146 -12.85 -40.60 -11.65
CA LEU A 146 -11.77 -39.67 -11.27
C LEU A 146 -10.73 -40.38 -10.40
N ARG A 147 -11.18 -41.05 -9.33
CA ARG A 147 -10.28 -41.69 -8.37
C ARG A 147 -9.71 -43.06 -8.66
N GLY A 148 -9.53 -43.30 -9.96
CA GLY A 148 -8.90 -44.49 -10.46
C GLY A 148 -7.84 -43.97 -11.47
N PRO A 149 -8.32 -43.47 -12.64
CA PRO A 149 -7.52 -42.94 -13.74
C PRO A 149 -7.26 -41.43 -13.75
N PRO A 150 -6.40 -40.96 -14.69
CA PRO A 150 -6.04 -39.54 -14.83
C PRO A 150 -7.23 -38.68 -15.17
N LEU A 151 -7.93 -38.19 -14.18
CA LEU A 151 -8.96 -37.33 -14.61
C LEU A 151 -8.07 -36.05 -14.41
N GLN A 152 -8.39 -35.11 -15.26
CA GLN A 152 -7.86 -33.76 -15.42
C GLN A 152 -8.08 -32.78 -14.24
N LEU A 153 -8.85 -33.20 -13.24
CA LEU A 153 -9.36 -32.30 -12.16
C LEU A 153 -9.14 -32.53 -10.68
N ASP A 154 -9.30 -31.42 -9.95
CA ASP A 154 -9.20 -31.34 -8.50
C ASP A 154 -10.51 -31.95 -7.92
N THR A 155 -10.84 -31.65 -6.64
CA THR A 155 -12.09 -32.12 -5.99
C THR A 155 -13.19 -31.06 -5.82
N GLY A 156 -13.17 -30.28 -4.74
CA GLY A 156 -14.16 -29.19 -4.50
C GLY A 156 -14.37 -28.38 -5.77
N GLN A 157 -13.40 -28.59 -6.67
CA GLN A 157 -13.36 -28.13 -8.04
C GLN A 157 -14.65 -28.82 -8.60
N LEU A 158 -14.68 -30.16 -8.61
CA LEU A 158 -15.84 -30.92 -9.11
C LEU A 158 -17.09 -30.50 -8.39
N VAL A 159 -17.01 -30.20 -7.10
CA VAL A 159 -18.19 -29.70 -6.38
C VAL A 159 -18.57 -28.34 -7.00
N LYS A 160 -17.58 -27.53 -7.38
CA LYS A 160 -17.85 -26.25 -8.01
C LYS A 160 -18.50 -26.53 -9.38
N ILE A 161 -18.07 -27.56 -10.10
CA ILE A 161 -18.67 -27.75 -11.45
C ILE A 161 -20.14 -28.10 -11.27
N ALA A 162 -20.44 -28.87 -10.23
CA ALA A 162 -21.80 -29.29 -9.97
C ALA A 162 -22.65 -28.21 -9.31
N LYS A 163 -22.02 -27.32 -8.55
CA LYS A 163 -22.73 -26.30 -7.84
C LYS A 163 -23.36 -25.35 -8.82
N ARG A 164 -22.55 -24.83 -9.72
CA ARG A 164 -22.99 -23.80 -10.64
C ARG A 164 -23.25 -24.26 -12.04
N GLY A 165 -22.57 -25.33 -12.43
CA GLY A 165 -22.73 -25.85 -13.78
C GLY A 165 -24.00 -26.69 -13.95
N GLY A 166 -24.40 -27.34 -12.87
CA GLY A 166 -25.57 -28.21 -12.93
C GLY A 166 -25.28 -29.57 -13.53
N VAL A 167 -26.24 -30.49 -13.44
CA VAL A 167 -26.05 -31.83 -14.02
C VAL A 167 -25.61 -31.69 -15.46
N THR A 168 -26.10 -30.63 -16.07
CA THR A 168 -25.87 -30.30 -17.46
C THR A 168 -24.40 -30.14 -17.76
N ALA A 169 -23.73 -29.19 -17.17
CA ALA A 169 -22.32 -28.98 -17.44
C ALA A 169 -21.53 -30.25 -17.08
N MET A 170 -21.91 -30.87 -15.98
CA MET A 170 -21.18 -32.03 -15.55
C MET A 170 -21.20 -33.10 -16.60
N GLU A 171 -22.33 -33.24 -17.31
CA GLU A 171 -22.44 -34.23 -18.39
C GLU A 171 -21.53 -33.83 -19.57
N ALA A 172 -21.61 -32.57 -19.98
CA ALA A 172 -20.74 -32.07 -21.06
C ALA A 172 -19.24 -32.18 -20.69
N VAL A 173 -18.92 -32.49 -19.43
CA VAL A 173 -17.52 -32.63 -19.11
C VAL A 173 -17.09 -34.10 -19.17
N HIS A 174 -17.63 -35.04 -18.36
CA HIS A 174 -17.11 -36.41 -18.54
C HIS A 174 -17.54 -37.05 -19.83
N ALA A 175 -17.94 -36.18 -20.74
CA ALA A 175 -18.18 -36.58 -22.09
C ALA A 175 -16.98 -35.94 -22.81
N SER A 176 -16.99 -34.62 -22.96
CA SER A 176 -15.98 -33.88 -23.71
C SER A 176 -14.55 -33.78 -23.17
N ARG A 177 -14.24 -34.48 -22.08
CA ARG A 177 -12.95 -34.28 -21.47
C ARG A 177 -11.74 -34.51 -22.33
N ASN A 178 -11.69 -35.64 -23.04
CA ASN A 178 -10.56 -35.93 -23.91
C ASN A 178 -10.39 -34.91 -25.06
N ALA A 179 -11.50 -34.37 -25.54
CA ALA A 179 -11.48 -33.38 -26.60
C ALA A 179 -10.86 -32.10 -26.08
N LEU A 180 -10.98 -31.86 -24.78
CA LEU A 180 -10.38 -30.69 -24.15
C LEU A 180 -8.91 -30.99 -23.77
N THR A 181 -8.64 -32.24 -23.39
CA THR A 181 -7.30 -32.64 -22.96
C THR A 181 -6.24 -32.61 -24.08
N PRO A 184 -7.64 -31.89 -29.81
CA PRO A 184 -7.34 -30.96 -28.76
C PRO A 184 -6.69 -29.69 -29.33
N LEU A 185 -6.78 -28.72 -28.42
CA LEU A 185 -6.25 -28.94 -27.06
C LEU A 185 -6.96 -27.98 -26.17
N ASN A 186 -7.60 -26.97 -26.71
CA ASN A 186 -8.16 -26.21 -25.67
C ASN A 186 -7.06 -25.73 -24.67
N LEU A 187 -7.63 -25.58 -23.52
CA LEU A 187 -7.34 -25.13 -22.19
C LEU A 187 -6.76 -26.01 -21.10
N THR A 188 -6.41 -25.36 -19.99
CA THR A 188 -6.02 -26.01 -18.73
C THR A 188 -7.33 -26.37 -17.96
N PRO A 189 -7.21 -27.29 -16.98
CA PRO A 189 -8.34 -27.61 -16.10
C PRO A 189 -8.72 -26.25 -15.42
N ALA A 190 -7.70 -25.40 -15.25
CA ALA A 190 -7.85 -24.09 -14.61
C ALA A 190 -9.01 -23.39 -15.25
N GLN A 191 -8.95 -23.35 -16.56
CA GLN A 191 -9.94 -22.66 -17.37
C GLN A 191 -11.12 -23.48 -17.93
N VAL A 192 -11.13 -24.77 -17.61
CA VAL A 192 -12.24 -25.58 -18.00
C VAL A 192 -13.21 -25.34 -16.85
N VAL A 193 -12.83 -25.81 -15.68
CA VAL A 193 -13.66 -25.59 -14.49
C VAL A 193 -14.26 -24.19 -14.55
N ALA A 194 -13.50 -23.25 -15.12
CA ALA A 194 -13.85 -21.84 -15.15
C ALA A 194 -14.98 -21.47 -16.04
N ILE A 195 -15.34 -22.35 -16.96
CA ILE A 195 -16.38 -22.01 -17.94
C ILE A 195 -17.54 -22.99 -17.95
N ALA A 196 -17.28 -24.17 -17.42
CA ALA A 196 -18.33 -25.13 -17.17
C ALA A 196 -19.07 -24.64 -15.92
N SER A 197 -18.34 -24.00 -14.98
CA SER A 197 -18.91 -23.55 -13.70
C SER A 197 -19.85 -22.34 -13.63
N ASN A 198 -20.81 -22.29 -14.56
CA ASN A 198 -21.87 -21.33 -14.49
C ASN A 198 -23.15 -21.89 -15.12
N ASN A 199 -24.04 -20.98 -15.49
CA ASN A 199 -25.32 -21.32 -15.94
C ASN A 199 -25.26 -21.73 -17.33
N GLY A 200 -24.49 -21.02 -18.12
CA GLY A 200 -24.41 -21.53 -19.51
C GLY A 200 -23.53 -22.76 -19.60
N GLY A 201 -23.19 -23.28 -18.46
CA GLY A 201 -22.28 -24.40 -18.40
C GLY A 201 -21.90 -25.04 -19.73
N LYS A 202 -22.72 -26.05 -20.01
CA LYS A 202 -22.59 -26.91 -21.16
C LYS A 202 -22.51 -26.16 -22.48
N GLN A 203 -23.24 -25.05 -22.59
CA GLN A 203 -23.27 -24.30 -23.84
C GLN A 203 -21.98 -23.56 -23.92
N ALA A 204 -21.71 -22.70 -22.93
CA ALA A 204 -20.46 -21.96 -22.88
C ALA A 204 -19.37 -22.93 -23.35
N LEU A 205 -19.30 -24.06 -22.67
CA LEU A 205 -18.35 -25.10 -23.03
C LEU A 205 -18.36 -25.47 -24.51
N GLU A 206 -19.46 -26.08 -24.96
CA GLU A 206 -19.61 -26.58 -26.33
C GLU A 206 -19.27 -25.49 -27.32
N THR A 207 -19.67 -24.26 -27.01
CA THR A 207 -19.37 -23.13 -27.89
C THR A 207 -17.87 -22.86 -28.03
N VAL A 208 -17.18 -22.74 -26.90
CA VAL A 208 -15.76 -22.44 -26.92
C VAL A 208 -14.98 -23.43 -27.79
N GLN A 209 -15.34 -24.70 -27.74
CA GLN A 209 -14.68 -25.66 -28.61
C GLN A 209 -15.09 -25.43 -30.07
N ARG A 210 -16.06 -24.56 -30.29
CA ARG A 210 -16.46 -24.21 -31.66
C ARG A 210 -15.83 -22.90 -32.12
N LEU A 211 -15.68 -21.93 -31.21
CA LEU A 211 -15.15 -20.62 -31.61
C LEU A 211 -13.85 -20.11 -30.99
N LEU A 212 -13.10 -20.97 -30.32
CA LEU A 212 -11.82 -20.51 -29.78
C LEU A 212 -10.81 -20.33 -30.93
N PRO A 213 -10.68 -21.32 -31.85
CA PRO A 213 -9.72 -21.20 -32.97
C PRO A 213 -10.03 -20.01 -33.90
N VAL A 214 -11.30 -19.84 -34.27
CA VAL A 214 -11.72 -18.73 -35.14
C VAL A 214 -11.48 -17.37 -34.45
N LEU A 215 -11.32 -17.39 -33.12
CA LEU A 215 -11.07 -16.15 -32.36
C LEU A 215 -9.57 -15.85 -32.25
N CYS A 216 -8.76 -16.89 -32.14
CA CYS A 216 -7.31 -16.75 -32.11
C CYS A 216 -6.75 -16.63 -33.55
N GLN A 217 -7.57 -17.02 -34.54
CA GLN A 217 -7.21 -16.89 -35.96
C GLN A 217 -7.60 -15.58 -36.65
N ALA A 218 -8.90 -15.41 -36.91
CA ALA A 218 -9.37 -14.27 -37.69
C ALA A 218 -9.36 -12.95 -36.95
N HIS A 219 -9.18 -13.05 -35.63
CA HIS A 219 -9.08 -11.85 -34.81
C HIS A 219 -7.89 -11.85 -33.84
N GLY A 220 -7.14 -12.95 -33.82
CA GLY A 220 -5.98 -13.06 -32.97
C GLY A 220 -6.25 -12.64 -31.53
N LEU A 221 -6.83 -13.54 -30.76
CA LEU A 221 -7.14 -13.31 -29.36
C LEU A 221 -6.33 -14.42 -28.67
N THR A 222 -6.72 -14.76 -27.44
CA THR A 222 -6.02 -15.81 -26.68
C THR A 222 -6.84 -16.89 -25.99
N PRO A 223 -6.20 -18.03 -25.66
CA PRO A 223 -6.90 -19.04 -24.90
C PRO A 223 -7.25 -18.25 -23.58
N ALA A 224 -6.45 -17.24 -23.21
CA ALA A 224 -6.70 -16.45 -22.00
C ALA A 224 -7.98 -15.58 -22.07
N GLN A 225 -8.06 -14.61 -23.00
CA GLN A 225 -9.25 -13.76 -23.07
C GLN A 225 -10.51 -14.48 -23.41
N VAL A 226 -10.47 -15.33 -24.41
CA VAL A 226 -11.71 -16.01 -24.79
C VAL A 226 -12.29 -16.74 -23.57
N VAL A 227 -11.54 -17.63 -22.95
CA VAL A 227 -12.06 -18.34 -21.81
C VAL A 227 -12.33 -17.40 -20.67
N ALA A 228 -12.13 -16.09 -20.89
CA ALA A 228 -12.39 -15.09 -19.84
C ALA A 228 -13.72 -14.43 -20.12
N ILE A 229 -14.31 -14.77 -21.25
CA ILE A 229 -15.64 -14.22 -21.62
C ILE A 229 -16.72 -15.35 -21.39
N ALA A 230 -16.31 -16.58 -21.67
CA ALA A 230 -17.10 -17.75 -21.47
C ALA A 230 -17.17 -18.03 -20.00
N SER A 231 -16.23 -17.49 -19.27
CA SER A 231 -16.09 -17.75 -17.86
C SER A 231 -17.23 -17.25 -17.01
N HIS A 232 -18.03 -16.34 -17.54
CA HIS A 232 -19.19 -15.87 -16.78
C HIS A 232 -20.49 -16.36 -17.44
N ASP A 233 -21.55 -16.41 -16.67
CA ASP A 233 -22.88 -16.70 -17.15
C ASP A 233 -23.15 -15.94 -18.44
N GLY A 234 -23.51 -16.65 -19.51
CA GLY A 234 -23.82 -15.96 -20.77
C GLY A 234 -22.77 -16.08 -21.87
N GLY A 235 -21.74 -16.89 -21.59
CA GLY A 235 -20.65 -17.13 -22.52
C GLY A 235 -21.14 -17.34 -23.93
N LYS A 236 -22.26 -18.07 -24.08
CA LYS A 236 -22.86 -18.32 -25.41
C LYS A 236 -23.38 -16.98 -26.00
N GLN A 237 -24.17 -16.21 -25.26
CA GLN A 237 -24.58 -14.93 -25.77
C GLN A 237 -23.30 -14.05 -25.85
N ALA A 238 -22.39 -14.28 -24.91
CA ALA A 238 -21.22 -13.44 -24.88
C ALA A 238 -20.38 -13.57 -26.12
N LEU A 239 -19.88 -14.78 -26.37
CA LEU A 239 -19.04 -15.05 -27.52
C LEU A 239 -19.77 -14.74 -28.85
N GLU A 240 -21.05 -15.02 -28.91
CA GLU A 240 -21.68 -14.83 -30.17
C GLU A 240 -21.85 -13.39 -30.55
N THR A 241 -22.40 -12.57 -29.67
CA THR A 241 -22.58 -11.17 -30.03
C THR A 241 -21.21 -10.48 -30.12
N MET A 242 -20.16 -11.26 -29.88
CA MET A 242 -18.78 -10.80 -29.95
C MET A 242 -18.30 -11.02 -31.40
N GLN A 243 -18.77 -12.09 -32.02
CA GLN A 243 -18.43 -12.44 -33.40
C GLN A 243 -19.29 -11.67 -34.40
N ARG A 244 -20.42 -11.13 -33.96
CA ARG A 244 -21.28 -10.39 -34.85
C ARG A 244 -21.00 -8.90 -34.79
N LEU A 245 -20.71 -8.41 -33.59
CA LEU A 245 -20.51 -6.98 -33.39
C LEU A 245 -19.09 -6.45 -33.24
N LEU A 246 -18.11 -7.31 -33.03
CA LEU A 246 -16.72 -6.87 -32.90
C LEU A 246 -16.48 -5.78 -33.99
N PRO A 247 -16.79 -6.07 -35.29
CA PRO A 247 -16.66 -5.13 -36.42
C PRO A 247 -17.41 -3.81 -36.31
N VAL A 248 -18.74 -3.86 -36.28
CA VAL A 248 -19.56 -2.61 -36.21
C VAL A 248 -18.96 -1.58 -35.27
N LEU A 249 -18.40 -2.05 -34.14
CA LEU A 249 -17.81 -1.20 -33.10
C LEU A 249 -16.55 -0.50 -33.53
N CYS A 250 -15.72 -1.17 -34.33
CA CYS A 250 -14.46 -0.61 -34.80
C CYS A 250 -14.54 -0.04 -36.21
N GLN A 251 -15.52 -0.52 -36.98
CA GLN A 251 -15.80 -0.03 -38.33
C GLN A 251 -16.54 1.30 -38.28
N ALA A 252 -17.05 1.67 -37.11
CA ALA A 252 -17.82 2.92 -37.00
C ALA A 252 -17.57 3.66 -35.68
N HIS A 253 -16.87 3.01 -34.74
CA HIS A 253 -16.63 3.63 -33.45
C HIS A 253 -15.20 3.47 -32.97
N GLY A 254 -14.45 2.63 -33.67
CA GLY A 254 -13.05 2.44 -33.38
C GLY A 254 -12.57 2.29 -31.94
N LEU A 255 -13.14 1.33 -31.26
CA LEU A 255 -12.70 1.06 -29.91
C LEU A 255 -11.67 -0.11 -30.10
N PRO A 256 -10.45 0.04 -29.57
CA PRO A 256 -9.41 -0.99 -29.68
C PRO A 256 -9.97 -2.32 -29.18
N PRO A 257 -9.61 -3.45 -29.82
CA PRO A 257 -10.09 -4.81 -29.46
C PRO A 257 -10.08 -5.18 -27.98
N ASP A 258 -8.96 -4.89 -27.31
CA ASP A 258 -8.80 -5.17 -25.89
C ASP A 258 -9.90 -4.46 -25.09
N GLN A 259 -10.45 -3.38 -25.65
CA GLN A 259 -11.57 -2.63 -25.06
C GLN A 259 -12.90 -3.35 -25.24
N VAL A 260 -13.09 -4.11 -26.34
CA VAL A 260 -14.36 -4.87 -26.54
C VAL A 260 -14.27 -6.14 -25.69
N VAL A 261 -13.06 -6.67 -25.51
CA VAL A 261 -12.85 -7.81 -24.62
C VAL A 261 -13.22 -7.34 -23.18
N ALA A 262 -12.98 -6.06 -22.86
CA ALA A 262 -13.37 -5.52 -21.56
C ALA A 262 -14.89 -5.23 -21.44
N ILE A 263 -15.60 -5.18 -22.56
CA ILE A 263 -17.06 -4.92 -22.57
C ILE A 263 -17.81 -6.25 -22.47
N ALA A 264 -17.28 -7.26 -23.13
CA ALA A 264 -17.91 -8.58 -23.17
C ALA A 264 -17.64 -9.47 -21.98
N SER A 265 -16.41 -9.45 -21.49
CA SER A 265 -15.93 -10.28 -20.36
C SER A 265 -16.60 -9.92 -19.06
N ASN A 266 -17.92 -10.08 -19.06
CA ASN A 266 -18.82 -9.75 -17.97
C ASN A 266 -20.19 -10.48 -18.07
N ILE A 267 -21.00 -10.36 -17.01
CA ILE A 267 -22.26 -11.03 -16.94
C ILE A 267 -23.30 -10.47 -17.99
N GLY A 268 -23.57 -9.18 -18.02
CA GLY A 268 -24.47 -8.74 -19.09
C GLY A 268 -23.80 -8.74 -20.50
N GLY A 269 -22.56 -9.25 -20.60
CA GLY A 269 -21.78 -9.29 -21.84
C GLY A 269 -22.51 -8.73 -23.03
N LYS A 270 -23.36 -9.56 -23.63
CA LYS A 270 -24.25 -9.21 -24.75
C LYS A 270 -24.89 -7.82 -24.52
N GLN A 271 -25.74 -7.71 -23.50
CA GLN A 271 -26.41 -6.46 -23.13
C GLN A 271 -25.45 -5.25 -23.01
N ALA A 272 -24.15 -5.51 -22.85
CA ALA A 272 -23.19 -4.41 -22.85
C ALA A 272 -22.94 -4.15 -24.34
N LEU A 273 -22.42 -5.16 -25.04
CA LEU A 273 -22.14 -5.03 -26.48
C LEU A 273 -23.35 -4.36 -27.18
N GLU A 274 -24.54 -4.88 -26.94
CA GLU A 274 -25.74 -4.33 -27.52
C GLU A 274 -25.94 -2.86 -27.23
N THR A 275 -25.95 -2.49 -25.95
CA THR A 275 -26.28 -1.11 -25.60
C THR A 275 -25.20 -0.10 -25.91
N VAL A 276 -24.01 -0.61 -26.27
CA VAL A 276 -22.93 0.27 -26.70
C VAL A 276 -23.44 0.88 -28.02
N GLN A 277 -23.53 0.04 -29.08
CA GLN A 277 -24.01 0.44 -30.43
C GLN A 277 -25.31 1.33 -30.42
N ARG A 278 -26.31 0.88 -29.69
CA ARG A 278 -27.56 1.60 -29.58
C ARG A 278 -27.36 2.98 -28.98
N LEU A 279 -26.42 3.09 -28.03
CA LEU A 279 -26.28 4.33 -27.31
C LEU A 279 -24.88 4.96 -27.24
N LEU A 280 -23.96 4.44 -28.03
CA LEU A 280 -22.61 5.01 -28.00
C LEU A 280 -22.58 6.46 -28.43
N PRO A 281 -23.15 6.80 -29.61
CA PRO A 281 -23.13 8.20 -30.07
C PRO A 281 -24.26 9.11 -29.64
N VAL A 282 -25.43 8.53 -29.34
CA VAL A 282 -26.58 9.35 -28.99
C VAL A 282 -26.39 10.22 -27.73
N LEU A 283 -25.20 10.11 -27.14
CA LEU A 283 -24.82 10.92 -25.97
C LEU A 283 -23.68 11.87 -26.39
N CYS A 284 -22.56 11.33 -26.88
CA CYS A 284 -21.39 12.14 -27.26
C CYS A 284 -21.74 13.43 -27.99
N GLN A 285 -22.76 13.32 -28.86
CA GLN A 285 -23.25 14.44 -29.67
C GLN A 285 -24.46 15.12 -29.04
N ALA A 286 -24.71 14.83 -27.77
CA ALA A 286 -25.81 15.44 -27.00
C ALA A 286 -25.38 15.61 -25.53
N HIS A 287 -24.17 15.14 -25.23
CA HIS A 287 -23.63 15.20 -23.88
C HIS A 287 -22.11 15.38 -23.74
N GLY A 288 -21.33 15.05 -24.76
CA GLY A 288 -19.87 15.06 -24.58
C GLY A 288 -19.00 14.04 -23.85
N LEU A 289 -19.42 12.78 -23.94
CA LEU A 289 -18.74 11.71 -23.21
C LEU A 289 -17.55 11.11 -23.97
N THR A 290 -16.36 11.32 -23.44
CA THR A 290 -15.15 10.72 -23.97
C THR A 290 -15.51 9.23 -24.19
N PRO A 291 -15.37 8.76 -25.40
CA PRO A 291 -15.63 7.40 -25.88
C PRO A 291 -15.03 6.30 -25.02
N ASP A 292 -13.95 6.65 -24.30
CA ASP A 292 -13.27 5.70 -23.43
C ASP A 292 -13.97 5.66 -22.09
N GLN A 293 -14.70 6.77 -21.80
CA GLN A 293 -15.53 6.90 -20.59
C GLN A 293 -16.58 5.79 -20.62
N VAL A 294 -17.45 5.80 -21.63
CA VAL A 294 -18.47 4.76 -21.74
C VAL A 294 -17.95 3.38 -22.08
N VAL A 295 -16.74 3.25 -22.63
CA VAL A 295 -16.23 1.88 -22.77
C VAL A 295 -16.12 1.42 -21.28
N ALA A 296 -15.55 2.26 -20.42
CA ALA A 296 -15.39 1.87 -19.00
C ALA A 296 -16.65 2.03 -18.13
N ILE A 297 -17.74 2.51 -18.72
CA ILE A 297 -19.04 2.55 -18.05
C ILE A 297 -19.74 1.26 -18.46
N ALA A 298 -19.20 0.53 -19.42
CA ALA A 298 -19.81 -0.71 -19.87
C ALA A 298 -18.94 -1.89 -19.51
N SER A 299 -17.75 -1.61 -18.96
CA SER A 299 -16.88 -2.67 -18.49
C SER A 299 -17.22 -3.28 -17.10
N HIS A 300 -18.50 -3.46 -16.78
CA HIS A 300 -19.07 -4.05 -15.56
C HIS A 300 -20.41 -4.84 -15.80
N GLY A 301 -20.97 -5.43 -14.73
CA GLY A 301 -22.23 -6.15 -14.87
C GLY A 301 -23.36 -5.20 -14.64
N GLY A 302 -24.04 -4.82 -15.74
CA GLY A 302 -25.17 -3.88 -15.68
C GLY A 302 -25.08 -2.82 -16.76
N GLY A 303 -24.20 -3.09 -17.74
CA GLY A 303 -23.93 -2.20 -18.85
C GLY A 303 -25.18 -1.52 -19.39
N LYS A 304 -26.06 -2.32 -19.97
CA LYS A 304 -27.34 -1.86 -20.46
C LYS A 304 -27.88 -0.88 -19.39
N GLN A 305 -27.81 -1.24 -18.12
CA GLN A 305 -28.44 -0.43 -17.08
C GLN A 305 -27.72 0.81 -16.68
N ALA A 306 -26.45 0.87 -17.00
CA ALA A 306 -25.66 2.03 -16.61
C ALA A 306 -25.79 3.18 -17.59
N LEU A 307 -25.62 2.92 -18.88
CA LEU A 307 -25.76 3.97 -19.88
C LEU A 307 -27.24 4.43 -19.99
N GLU A 308 -28.19 3.51 -19.81
CA GLU A 308 -29.58 3.91 -19.86
C GLU A 308 -29.96 4.84 -18.70
N THR A 309 -29.21 4.77 -17.58
CA THR A 309 -29.43 5.64 -16.43
C THR A 309 -28.44 6.80 -16.46
N VAL A 310 -27.42 6.70 -17.32
CA VAL A 310 -26.53 7.83 -17.52
C VAL A 310 -27.38 8.77 -18.44
N GLN A 311 -27.61 8.33 -19.67
CA GLN A 311 -28.38 9.08 -20.70
C GLN A 311 -29.64 9.69 -20.13
N ARG A 312 -30.51 8.88 -19.56
CA ARG A 312 -31.75 9.32 -18.89
C ARG A 312 -31.54 10.36 -17.76
N LEU A 313 -30.97 9.93 -16.63
CA LEU A 313 -30.78 10.76 -15.41
C LEU A 313 -29.69 11.81 -15.36
N LEU A 314 -28.74 11.72 -16.28
CA LEU A 314 -27.61 12.63 -16.34
C LEU A 314 -27.85 14.14 -16.06
N PRO A 315 -28.91 14.76 -16.63
CA PRO A 315 -29.12 16.18 -16.35
C PRO A 315 -29.61 16.54 -14.98
N VAL A 316 -30.71 15.95 -14.52
CA VAL A 316 -31.27 16.24 -13.19
C VAL A 316 -30.18 16.67 -12.21
N LEU A 317 -29.13 15.84 -12.11
CA LEU A 317 -27.95 16.13 -11.29
C LEU A 317 -27.15 17.29 -11.93
N CYS A 318 -26.50 17.06 -13.10
CA CYS A 318 -25.72 18.10 -13.77
C CYS A 318 -26.44 19.45 -13.86
N GLN A 319 -27.76 19.40 -13.64
CA GLN A 319 -28.62 20.58 -13.57
C GLN A 319 -28.62 21.18 -12.17
N ALA A 320 -29.36 20.54 -11.25
CA ALA A 320 -29.53 21.04 -9.89
C ALA A 320 -28.71 20.31 -8.84
N HIS A 321 -27.69 19.61 -9.32
CA HIS A 321 -26.70 18.96 -8.44
C HIS A 321 -25.38 19.32 -9.10
N GLY A 322 -25.45 19.59 -10.39
CA GLY A 322 -24.32 20.07 -11.17
C GLY A 322 -23.01 19.35 -11.25
N LEU A 323 -23.03 18.04 -11.01
CA LEU A 323 -21.81 17.26 -11.08
C LEU A 323 -21.22 17.36 -12.45
N THR A 324 -19.93 17.22 -12.50
CA THR A 324 -19.22 17.28 -13.77
C THR A 324 -19.63 16.11 -14.70
N PRO A 325 -19.00 16.06 -15.90
CA PRO A 325 -19.37 14.88 -16.67
C PRO A 325 -18.76 13.69 -15.88
N ASP A 326 -17.42 13.65 -15.83
CA ASP A 326 -16.68 12.51 -15.24
C ASP A 326 -17.03 12.03 -13.85
N GLN A 327 -17.76 12.88 -13.12
CA GLN A 327 -18.19 12.56 -11.77
C GLN A 327 -19.37 11.62 -11.87
N VAL A 328 -20.46 12.10 -12.43
CA VAL A 328 -21.58 11.20 -12.64
C VAL A 328 -20.97 9.98 -13.33
N VAL A 329 -20.22 10.20 -14.40
CA VAL A 329 -19.63 9.10 -15.10
C VAL A 329 -19.05 8.05 -14.19
N ALA A 330 -18.06 8.38 -13.34
CA ALA A 330 -17.41 7.40 -12.45
C ALA A 330 -18.28 6.84 -11.35
N ILE A 331 -19.38 7.49 -11.04
CA ILE A 331 -20.33 6.90 -10.10
C ILE A 331 -20.93 5.73 -10.87
N ALA A 332 -20.89 5.79 -12.18
CA ALA A 332 -21.55 4.78 -13.01
C ALA A 332 -20.72 3.62 -13.47
N SER A 333 -19.40 3.76 -13.42
CA SER A 333 -18.52 2.69 -13.86
C SER A 333 -18.22 1.58 -12.81
N HIS A 334 -19.29 0.94 -12.31
CA HIS A 334 -19.24 -0.13 -11.30
C HIS A 334 -20.48 -1.02 -11.45
N ASP A 335 -20.46 -2.19 -10.82
CA ASP A 335 -21.58 -3.11 -10.82
C ASP A 335 -22.74 -2.44 -10.07
N GLY A 336 -23.91 -2.59 -10.67
CA GLY A 336 -25.07 -1.99 -10.05
C GLY A 336 -24.76 -0.53 -10.07
N GLY A 337 -24.50 -0.06 -11.28
CA GLY A 337 -24.25 1.35 -11.49
C GLY A 337 -25.57 2.13 -11.32
N LYS A 338 -26.64 1.71 -11.99
CA LYS A 338 -27.92 2.38 -11.91
C LYS A 338 -28.29 2.87 -10.50
N GLN A 339 -28.42 1.96 -9.55
CA GLN A 339 -28.87 2.34 -8.21
C GLN A 339 -27.92 3.24 -7.46
N ALA A 340 -26.68 3.31 -7.93
CA ALA A 340 -25.72 4.26 -7.35
C ALA A 340 -26.27 5.63 -7.77
N LEU A 341 -26.34 5.87 -9.09
CA LEU A 341 -26.89 7.12 -9.65
C LEU A 341 -28.32 7.39 -9.15
N GLU A 342 -29.22 6.42 -9.18
CA GLU A 342 -30.58 6.70 -8.73
C GLU A 342 -30.68 7.12 -7.27
N THR A 343 -29.81 6.58 -6.42
CA THR A 343 -29.89 6.94 -5.01
C THR A 343 -29.16 8.29 -4.79
N VAL A 344 -28.47 8.75 -5.82
CA VAL A 344 -27.84 10.05 -5.75
C VAL A 344 -29.03 11.06 -5.91
N GLN A 345 -29.66 11.11 -7.09
CA GLN A 345 -30.80 11.97 -7.38
C GLN A 345 -31.76 11.94 -6.20
N ARG A 346 -32.05 10.75 -5.71
CA ARG A 346 -32.96 10.56 -4.59
C ARG A 346 -32.40 11.15 -3.33
N LEU A 347 -31.22 10.68 -2.92
CA LEU A 347 -30.65 11.10 -1.64
C LEU A 347 -29.59 12.20 -1.53
N LEU A 348 -28.93 12.56 -2.64
CA LEU A 348 -27.88 13.57 -2.58
C LEU A 348 -28.24 14.80 -1.75
N PRO A 349 -29.26 15.58 -2.20
CA PRO A 349 -29.65 16.78 -1.47
C PRO A 349 -30.09 16.48 -0.07
N VAL A 350 -31.20 15.76 0.06
CA VAL A 350 -31.73 15.41 1.39
C VAL A 350 -30.68 14.98 2.42
N LEU A 351 -29.49 14.60 1.94
CA LEU A 351 -28.39 14.24 2.83
C LEU A 351 -27.73 15.51 3.37
N CYS A 352 -26.96 16.20 2.50
CA CYS A 352 -26.20 17.44 2.86
C CYS A 352 -26.96 18.68 3.32
N GLN A 353 -28.21 18.80 2.87
CA GLN A 353 -29.12 19.88 3.25
C GLN A 353 -29.32 19.88 4.78
N ALA A 354 -29.44 18.64 5.33
CA ALA A 354 -29.58 18.42 6.76
C ALA A 354 -28.66 17.30 7.22
N HIS A 355 -27.42 17.29 6.73
CA HIS A 355 -26.24 16.42 7.01
C HIS A 355 -25.31 17.15 6.16
N GLY A 356 -24.30 17.67 6.85
CA GLY A 356 -23.23 18.49 6.40
C GLY A 356 -22.32 17.48 5.88
N LEU A 357 -22.55 17.27 4.61
CA LEU A 357 -21.88 16.27 3.87
C LEU A 357 -21.66 16.75 2.45
N THR A 358 -20.44 17.20 2.16
CA THR A 358 -20.12 17.70 0.85
C THR A 358 -20.59 16.85 -0.38
N PRO A 359 -21.03 17.52 -1.47
CA PRO A 359 -21.45 16.81 -2.68
C PRO A 359 -20.34 15.78 -3.06
N ASP A 360 -19.15 16.33 -3.20
CA ASP A 360 -17.89 15.64 -3.45
C ASP A 360 -17.86 14.30 -2.62
N GLN A 361 -18.14 14.36 -1.31
CA GLN A 361 -18.15 13.15 -0.47
C GLN A 361 -19.27 12.23 -0.91
N VAL A 362 -20.48 12.76 -1.04
CA VAL A 362 -21.59 11.87 -1.41
C VAL A 362 -21.15 11.11 -2.65
N VAL A 363 -20.67 11.83 -3.64
CA VAL A 363 -20.19 11.23 -4.86
C VAL A 363 -19.19 10.09 -4.52
N ALA A 364 -18.27 10.31 -3.58
CA ALA A 364 -17.35 9.24 -3.19
C ALA A 364 -18.10 7.99 -2.66
N ILE A 365 -19.08 8.17 -1.75
CA ILE A 365 -19.81 7.01 -1.18
C ILE A 365 -20.66 6.37 -2.22
N ALA A 366 -20.99 7.08 -3.29
CA ALA A 366 -21.76 6.44 -4.37
C ALA A 366 -20.91 5.50 -5.17
N SER A 367 -19.71 5.94 -5.52
CA SER A 367 -18.82 5.29 -6.45
C SER A 367 -18.07 4.03 -6.05
N ASN A 368 -18.85 3.01 -5.68
CA ASN A 368 -18.29 1.79 -5.14
C ASN A 368 -19.19 0.63 -5.28
N GLY A 369 -18.58 -0.54 -5.26
CA GLY A 369 -19.41 -1.71 -5.25
C GLY A 369 -20.54 -1.50 -4.22
N GLY A 370 -21.74 -1.46 -4.77
CA GLY A 370 -22.98 -1.40 -4.02
C GLY A 370 -23.36 -0.12 -3.39
N GLY A 371 -22.67 0.93 -3.79
CA GLY A 371 -22.97 2.25 -3.18
C GLY A 371 -24.41 2.62 -2.64
N LYS A 372 -25.44 2.13 -3.30
CA LYS A 372 -26.77 2.43 -2.90
C LYS A 372 -26.90 1.92 -1.56
N GLN A 373 -26.35 0.73 -1.33
CA GLN A 373 -26.46 0.11 -0.03
C GLN A 373 -25.86 1.04 0.99
N ALA A 374 -24.87 1.79 0.57
CA ALA A 374 -24.24 2.83 1.37
C ALA A 374 -25.21 4.00 1.60
N LEU A 375 -25.47 4.82 0.58
CA LEU A 375 -26.36 5.96 0.76
C LEU A 375 -27.57 5.56 1.61
N GLU A 376 -28.23 4.49 1.19
CA GLU A 376 -29.37 4.04 1.95
C GLU A 376 -28.94 3.95 3.40
N THR A 377 -28.04 3.02 3.68
CA THR A 377 -27.64 2.77 5.04
C THR A 377 -27.21 3.99 5.73
N VAL A 378 -26.50 4.86 5.01
CA VAL A 378 -25.92 6.04 5.65
C VAL A 378 -26.98 6.95 6.29
N GLN A 379 -27.99 7.37 5.51
CA GLN A 379 -29.05 8.22 6.02
C GLN A 379 -29.64 7.70 7.37
N ARG A 380 -29.57 6.39 7.58
CA ARG A 380 -30.07 5.82 8.81
C ARG A 380 -29.04 5.78 9.91
N LEU A 381 -27.77 5.68 9.54
CA LEU A 381 -26.74 5.50 10.57
C LEU A 381 -25.77 6.65 10.89
N LEU A 382 -25.82 7.74 10.13
CA LEU A 382 -24.90 8.85 10.41
C LEU A 382 -25.09 9.40 11.82
N PRO A 383 -26.28 9.91 12.14
CA PRO A 383 -26.49 10.48 13.48
C PRO A 383 -26.42 9.55 14.69
N VAL A 384 -26.83 8.29 14.53
CA VAL A 384 -26.79 7.38 15.67
C VAL A 384 -25.36 7.00 16.02
N LEU A 385 -24.49 6.89 15.01
CA LEU A 385 -23.07 6.58 15.24
C LEU A 385 -22.34 7.77 15.89
N CYS A 386 -22.73 8.98 15.48
CA CYS A 386 -22.17 10.24 15.99
C CYS A 386 -22.67 10.59 17.40
N GLN A 387 -23.77 9.96 17.78
CA GLN A 387 -24.44 10.21 19.05
C GLN A 387 -24.45 9.04 20.01
N ALA A 388 -23.72 7.98 19.68
CA ALA A 388 -23.59 6.86 20.62
C ALA A 388 -22.12 6.46 20.73
N HIS A 389 -21.30 6.92 19.78
CA HIS A 389 -19.86 6.63 19.77
C HIS A 389 -19.10 7.92 19.51
N GLY A 390 -19.88 8.99 19.38
CA GLY A 390 -19.41 10.34 19.20
C GLY A 390 -18.54 10.52 17.99
N LEU A 391 -18.80 9.65 17.01
CA LEU A 391 -18.03 9.65 15.78
C LEU A 391 -18.18 10.90 14.96
N THR A 392 -17.09 11.24 14.28
CA THR A 392 -17.05 12.39 13.37
C THR A 392 -17.71 11.95 12.05
N PRO A 393 -18.46 12.86 11.39
CA PRO A 393 -19.12 12.55 10.13
C PRO A 393 -18.10 12.17 9.06
N ASP A 394 -16.88 12.67 9.15
CA ASP A 394 -15.87 12.27 8.15
C ASP A 394 -15.42 10.79 8.35
N GLN A 395 -15.44 10.30 9.60
CA GLN A 395 -15.14 8.90 9.87
C GLN A 395 -16.36 8.04 9.39
N VAL A 396 -17.55 8.33 9.87
CA VAL A 396 -18.66 7.53 9.40
C VAL A 396 -18.62 7.49 7.85
N VAL A 397 -18.39 8.61 7.21
CA VAL A 397 -18.31 8.60 5.76
C VAL A 397 -17.10 7.76 5.38
N ALA A 398 -15.90 8.12 5.79
CA ALA A 398 -14.76 7.30 5.43
C ALA A 398 -15.07 5.82 5.52
N ILE A 399 -15.84 5.38 6.51
CA ILE A 399 -16.21 3.95 6.70
C ILE A 399 -17.20 3.56 5.62
N ALA A 400 -18.12 4.48 5.31
CA ALA A 400 -19.13 4.26 4.30
C ALA A 400 -18.49 4.13 2.95
N SER A 401 -17.36 4.78 2.79
CA SER A 401 -16.75 4.83 1.51
C SER A 401 -16.37 3.44 1.04
N ASN A 402 -15.59 2.73 1.85
CA ASN A 402 -15.14 1.42 1.43
C ASN A 402 -15.37 0.18 2.33
N GLY A 403 -16.01 0.41 3.45
CA GLY A 403 -16.49 -0.70 4.24
C GLY A 403 -17.97 -1.02 3.79
N GLY A 404 -18.74 0.00 3.35
CA GLY A 404 -20.12 -0.22 2.88
C GLY A 404 -21.20 -0.44 3.91
N LYS A 405 -22.38 -0.93 3.51
CA LYS A 405 -23.51 -1.14 4.44
C LYS A 405 -23.08 -2.06 5.57
N GLN A 406 -22.53 -3.20 5.19
CA GLN A 406 -22.00 -4.18 6.18
C GLN A 406 -21.00 -3.63 7.18
N ALA A 407 -20.14 -2.68 6.78
CA ALA A 407 -19.13 -2.14 7.70
C ALA A 407 -19.79 -1.19 8.72
N LEU A 408 -20.55 -0.18 8.27
CA LEU A 408 -21.23 0.71 9.25
C LEU A 408 -21.99 -0.25 10.12
N GLU A 409 -22.97 -0.95 9.56
CA GLU A 409 -23.72 -1.90 10.34
C GLU A 409 -22.85 -2.70 11.30
N THR A 410 -21.90 -3.45 10.82
CA THR A 410 -21.09 -4.22 11.75
C THR A 410 -20.49 -3.33 12.90
N VAL A 411 -20.24 -2.05 12.62
CA VAL A 411 -19.70 -1.15 13.65
C VAL A 411 -20.81 -0.70 14.63
N GLN A 412 -22.05 -0.63 14.17
CA GLN A 412 -23.17 -0.38 15.08
C GLN A 412 -23.10 -1.62 16.01
N ARG A 413 -23.40 -2.80 15.47
CA ARG A 413 -23.36 -4.04 16.24
C ARG A 413 -22.23 -4.15 17.27
N LEU A 414 -21.02 -3.88 16.86
CA LEU A 414 -19.89 -4.13 17.74
C LEU A 414 -18.99 -3.00 18.32
N LEU A 415 -19.39 -1.74 18.14
CA LEU A 415 -18.56 -0.65 18.64
C LEU A 415 -18.25 -0.93 20.08
N PRO A 416 -19.28 -0.93 20.97
CA PRO A 416 -19.11 -1.21 22.42
C PRO A 416 -18.42 -2.52 22.74
N VAL A 417 -18.94 -3.59 22.17
CA VAL A 417 -18.42 -4.94 22.45
C VAL A 417 -16.93 -5.02 22.32
N LEU A 418 -16.41 -4.11 21.50
CA LEU A 418 -14.99 -4.08 21.19
C LEU A 418 -14.23 -2.95 21.88
N CYS A 419 -14.47 -1.73 21.41
CA CYS A 419 -13.74 -0.59 21.94
C CYS A 419 -13.74 -0.60 23.46
N GLN A 420 -14.88 -1.01 24.01
CA GLN A 420 -15.10 -1.12 25.45
C GLN A 420 -15.07 -2.53 26.02
N ALA A 421 -14.23 -3.38 25.43
CA ALA A 421 -14.01 -4.68 26.08
C ALA A 421 -12.56 -5.25 25.82
N HIS A 422 -12.10 -5.33 24.56
CA HIS A 422 -10.74 -5.76 24.12
C HIS A 422 -9.66 -4.67 23.92
N GLY A 423 -9.74 -3.56 24.65
CA GLY A 423 -8.74 -2.49 24.56
C GLY A 423 -8.72 -1.63 23.32
N LEU A 424 -9.88 -1.46 22.66
CA LEU A 424 -9.90 -0.70 21.43
C LEU A 424 -10.49 0.66 21.56
N THR A 425 -10.15 1.47 20.58
CA THR A 425 -10.55 2.85 20.50
C THR A 425 -11.45 2.95 19.31
N PRO A 426 -12.47 3.80 19.39
CA PRO A 426 -13.35 3.97 18.25
C PRO A 426 -12.55 4.44 16.99
N ASP A 427 -11.24 4.63 17.13
CA ASP A 427 -10.41 5.06 15.98
C ASP A 427 -9.67 3.84 15.42
N GLN A 428 -9.11 3.00 16.27
CA GLN A 428 -8.54 1.76 15.78
C GLN A 428 -9.75 1.00 15.18
N VAL A 429 -10.96 1.21 15.68
CA VAL A 429 -12.08 0.41 15.16
C VAL A 429 -12.49 0.90 13.79
N VAL A 430 -12.71 2.21 13.67
CA VAL A 430 -13.01 2.80 12.38
C VAL A 430 -11.85 2.36 11.46
N ALA A 431 -10.61 2.58 11.88
CA ALA A 431 -9.48 2.14 11.06
C ALA A 431 -9.75 0.75 10.44
N ILE A 432 -10.18 -0.24 11.23
CA ILE A 432 -10.49 -1.59 10.72
C ILE A 432 -11.68 -1.61 9.79
N ALA A 433 -12.71 -0.85 10.16
CA ALA A 433 -13.93 -0.81 9.34
C ALA A 433 -13.90 0.07 8.11
N SER A 434 -12.76 0.67 7.75
CA SER A 434 -12.72 1.53 6.58
C SER A 434 -11.89 0.96 5.42
N HIS A 435 -12.27 -0.23 4.97
CA HIS A 435 -11.66 -1.02 3.90
C HIS A 435 -12.72 -2.06 3.35
N ASP A 436 -12.63 -2.42 2.08
CA ASP A 436 -13.63 -3.32 1.49
C ASP A 436 -13.95 -4.41 2.46
N GLY A 437 -12.98 -5.23 2.78
CA GLY A 437 -13.25 -6.25 3.80
C GLY A 437 -14.44 -5.85 4.73
N GLY A 438 -14.25 -4.80 5.52
CA GLY A 438 -15.27 -4.29 6.42
C GLY A 438 -15.70 -5.17 7.58
N LYS A 439 -16.93 -5.63 7.46
CA LYS A 439 -17.59 -6.50 8.42
C LYS A 439 -16.65 -7.65 8.68
N GLN A 440 -16.37 -8.38 7.63
CA GLN A 440 -15.46 -9.51 7.61
C GLN A 440 -14.23 -9.37 8.53
N ALA A 441 -13.54 -8.24 8.56
CA ALA A 441 -12.43 -8.17 9.53
C ALA A 441 -13.02 -7.91 10.91
N LEU A 442 -13.62 -6.75 11.21
CA LEU A 442 -14.13 -6.47 12.56
C LEU A 442 -14.48 -7.76 13.33
N GLU A 443 -15.25 -8.63 12.66
CA GLU A 443 -15.59 -9.94 13.22
C GLU A 443 -14.30 -10.76 13.50
N THR A 444 -13.56 -11.13 12.45
CA THR A 444 -12.36 -11.92 12.61
C THR A 444 -11.45 -11.31 13.67
N VAL A 445 -11.57 -10.00 13.93
CA VAL A 445 -10.76 -9.39 14.98
C VAL A 445 -11.41 -9.77 16.33
N GLN A 446 -12.71 -9.54 16.46
CA GLN A 446 -13.44 -9.89 17.67
C GLN A 446 -12.94 -11.25 18.13
N ARG A 447 -13.24 -12.31 17.39
CA ARG A 447 -12.81 -13.66 17.70
C ARG A 447 -11.36 -13.91 18.04
N LEU A 448 -10.51 -13.75 17.05
CA LEU A 448 -9.08 -14.06 17.20
C LEU A 448 -8.18 -13.01 17.85
N LEU A 449 -8.79 -12.04 18.55
CA LEU A 449 -7.99 -11.03 19.21
C LEU A 449 -7.12 -11.71 20.25
N PRO A 450 -7.73 -12.32 21.31
CA PRO A 450 -6.87 -12.97 22.29
C PRO A 450 -6.21 -14.24 21.70
N VAL A 451 -6.99 -15.09 21.03
CA VAL A 451 -6.47 -16.29 20.37
C VAL A 451 -5.05 -16.02 19.81
N LEU A 452 -4.85 -14.85 19.22
CA LEU A 452 -3.52 -14.48 18.68
C LEU A 452 -2.70 -13.72 19.73
N CYS A 453 -3.34 -12.96 20.60
CA CYS A 453 -2.62 -12.29 21.70
C CYS A 453 -2.22 -13.34 22.77
N GLN A 454 -3.23 -13.88 23.46
CA GLN A 454 -3.05 -14.88 24.51
C GLN A 454 -2.05 -15.95 24.13
N THR A 455 -2.16 -16.45 22.92
CA THR A 455 -1.29 -17.52 22.45
C THR A 455 -0.01 -17.19 21.70
N HIS A 456 -0.16 -16.85 20.42
CA HIS A 456 0.95 -16.51 19.49
C HIS A 456 1.56 -15.17 19.82
N GLY A 457 1.59 -14.81 21.07
CA GLY A 457 2.17 -13.53 21.51
C GLY A 457 2.13 -12.13 20.88
N LEU A 458 0.99 -11.72 20.30
CA LEU A 458 0.80 -10.41 19.66
C LEU A 458 0.03 -9.47 20.60
N THR A 459 -0.07 -8.23 20.16
CA THR A 459 -0.73 -7.19 20.90
C THR A 459 -1.94 -6.71 20.14
N PRO A 460 -2.93 -6.11 20.84
CA PRO A 460 -4.12 -5.57 20.19
C PRO A 460 -3.72 -4.68 18.98
N ALA A 461 -2.68 -3.87 19.18
CA ALA A 461 -2.18 -2.97 18.14
C ALA A 461 -1.77 -3.75 16.95
N GLN A 462 -0.70 -4.51 17.07
CA GLN A 462 -0.22 -5.29 15.91
C GLN A 462 -1.36 -6.12 15.20
N VAL A 463 -2.39 -6.51 15.95
CA VAL A 463 -3.48 -7.24 15.32
C VAL A 463 -4.40 -6.24 14.61
N VAL A 464 -4.70 -5.11 15.24
CA VAL A 464 -5.60 -4.16 14.61
C VAL A 464 -4.89 -3.47 13.45
N ALA A 465 -3.63 -3.88 13.24
CA ALA A 465 -2.86 -3.35 12.12
C ALA A 465 -2.66 -4.45 11.08
N ILE A 466 -2.93 -5.69 11.44
CA ILE A 466 -2.96 -6.70 10.37
C ILE A 466 -4.43 -6.69 9.82
N ALA A 467 -5.38 -6.16 10.62
CA ALA A 467 -6.80 -6.04 10.26
C ALA A 467 -7.30 -4.91 9.34
N SER A 468 -6.62 -3.75 9.42
CA SER A 468 -6.95 -2.54 8.67
C SER A 468 -6.58 -2.52 7.17
N HIS A 469 -6.51 -3.66 6.48
CA HIS A 469 -6.28 -3.66 5.03
C HIS A 469 -7.38 -4.48 4.23
N ASP A 470 -7.77 -4.11 3.01
CA ASP A 470 -8.82 -4.86 2.34
C ASP A 470 -8.88 -6.34 2.66
N GLY A 471 -7.76 -7.06 2.74
CA GLY A 471 -7.89 -8.51 2.98
C GLY A 471 -7.75 -8.95 4.42
N GLY A 472 -8.48 -8.27 5.27
CA GLY A 472 -8.39 -8.48 6.72
C GLY A 472 -8.54 -9.84 7.30
N LYS A 473 -9.79 -10.28 7.33
CA LYS A 473 -10.16 -11.63 7.76
C LYS A 473 -9.04 -12.56 7.30
N GLN A 474 -8.79 -12.56 5.96
CA GLN A 474 -7.77 -13.37 5.25
C GLN A 474 -6.40 -13.31 5.87
N ALA A 475 -5.87 -12.10 5.95
CA ALA A 475 -4.57 -11.92 6.53
C ALA A 475 -4.58 -12.40 8.00
N LEU A 476 -5.44 -11.90 8.87
CA LEU A 476 -5.46 -12.37 10.26
C LEU A 476 -5.48 -13.92 10.36
N GLU A 477 -6.45 -14.52 9.67
CA GLU A 477 -6.60 -15.97 9.59
C GLU A 477 -5.28 -16.66 9.31
N THR A 478 -4.75 -16.47 8.10
CA THR A 478 -3.44 -17.03 7.73
C THR A 478 -2.32 -16.74 8.79
N VAL A 479 -2.24 -15.52 9.35
CA VAL A 479 -1.21 -15.24 10.36
C VAL A 479 -1.33 -16.30 11.42
N GLN A 480 -2.57 -16.61 11.79
CA GLN A 480 -2.85 -17.63 12.81
C GLN A 480 -2.42 -19.02 12.34
N GLN A 481 -2.65 -19.31 11.07
CA GLN A 481 -2.36 -20.62 10.53
C GLN A 481 -0.98 -20.80 9.93
N LEU A 482 -0.12 -19.79 10.11
CA LEU A 482 1.25 -19.89 9.58
C LEU A 482 2.38 -19.29 10.46
N LEU A 483 2.03 -18.51 11.48
CA LEU A 483 3.02 -17.85 12.33
C LEU A 483 4.09 -18.76 12.95
N PRO A 484 3.69 -19.80 13.73
CA PRO A 484 4.72 -20.67 14.33
C PRO A 484 5.35 -21.61 13.32
N VAL A 485 4.60 -21.87 12.24
CA VAL A 485 5.01 -22.65 11.08
C VAL A 485 6.17 -21.93 10.33
N LEU A 486 6.07 -20.61 10.19
CA LEU A 486 7.11 -19.79 9.55
C LEU A 486 8.28 -19.65 10.53
N CYS A 487 7.96 -19.49 11.81
CA CYS A 487 8.93 -19.36 12.90
C CYS A 487 9.78 -20.64 13.10
N GLN A 488 9.26 -21.79 12.66
CA GLN A 488 9.98 -23.05 12.85
C GLN A 488 10.52 -23.70 11.58
N ALA A 489 9.83 -23.48 10.47
CA ALA A 489 10.27 -24.04 9.19
C ALA A 489 11.56 -23.40 8.75
N HIS A 490 11.84 -22.21 9.27
CA HIS A 490 13.10 -21.53 9.00
C HIS A 490 13.10 -20.81 10.31
N GLY A 491 13.84 -19.70 10.39
CA GLY A 491 13.57 -18.74 11.47
C GLY A 491 13.48 -17.25 11.46
N LEU A 492 12.27 -16.88 11.05
CA LEU A 492 11.48 -15.66 10.84
C LEU A 492 10.89 -15.37 12.25
N THR A 493 11.13 -14.16 12.76
CA THR A 493 10.71 -13.73 14.06
C THR A 493 9.21 -13.51 14.10
N PRO A 494 8.67 -12.95 15.20
CA PRO A 494 7.24 -12.65 15.20
C PRO A 494 7.03 -11.21 14.57
N ASP A 495 7.43 -10.14 15.31
CA ASP A 495 7.27 -8.72 14.84
C ASP A 495 7.41 -8.68 13.30
N GLN A 496 8.45 -9.34 12.85
CA GLN A 496 8.80 -9.58 11.47
C GLN A 496 7.59 -10.14 10.68
N VAL A 497 6.83 -11.13 11.22
CA VAL A 497 5.68 -11.74 10.50
C VAL A 497 4.46 -10.82 10.49
N VAL A 498 4.29 -10.08 11.56
CA VAL A 498 3.25 -9.06 11.62
C VAL A 498 3.55 -8.12 10.42
N ALA A 499 4.81 -7.76 10.20
CA ALA A 499 5.17 -6.85 9.11
C ALA A 499 4.82 -7.36 7.72
N ILE A 500 4.60 -8.65 7.58
CA ILE A 500 4.30 -9.17 6.27
C ILE A 500 2.77 -9.28 6.11
N ALA A 501 2.06 -9.35 7.23
CA ALA A 501 0.60 -9.50 7.24
C ALA A 501 -0.12 -8.18 7.06
N SER A 502 0.56 -7.11 7.47
CA SER A 502 -0.02 -5.80 7.44
C SER A 502 -0.11 -4.94 6.17
N ASN A 503 -0.21 -5.59 5.03
CA ASN A 503 -0.58 -4.87 3.83
C ASN A 503 -1.63 -5.70 3.04
N ILE A 504 -2.09 -5.17 1.94
CA ILE A 504 -3.04 -5.85 1.14
C ILE A 504 -2.29 -7.12 0.66
N GLY A 505 -2.85 -8.31 0.85
CA GLY A 505 -2.16 -9.47 0.31
C GLY A 505 -1.60 -10.40 1.33
N GLY A 506 -1.72 -10.03 2.60
CA GLY A 506 -1.22 -10.83 3.71
C GLY A 506 -1.22 -12.34 3.51
N LYS A 507 -2.31 -12.83 2.91
CA LYS A 507 -2.44 -14.25 2.59
C LYS A 507 -1.47 -14.63 1.44
N GLN A 508 -1.72 -14.10 0.24
CA GLN A 508 -0.93 -14.42 -0.94
C GLN A 508 0.56 -14.26 -0.68
N ALA A 509 0.91 -13.25 0.10
CA ALA A 509 2.30 -13.00 0.43
C ALA A 509 2.85 -13.98 1.47
N LEU A 510 2.09 -14.27 2.51
CA LEU A 510 2.58 -15.25 3.48
C LEU A 510 2.58 -16.63 2.79
N ALA A 511 1.74 -16.77 1.77
CA ALA A 511 1.65 -18.02 1.05
C ALA A 511 2.68 -18.12 -0.06
N THR A 512 3.21 -16.98 -0.52
CA THR A 512 4.27 -17.05 -1.55
C THR A 512 5.57 -17.13 -0.70
N VAL A 513 5.42 -16.76 0.57
CA VAL A 513 6.52 -16.86 1.46
C VAL A 513 6.81 -18.36 1.60
N GLN A 514 5.90 -19.10 2.26
CA GLN A 514 6.14 -20.54 2.55
C GLN A 514 6.51 -21.34 1.34
N ARG A 515 6.04 -20.89 0.19
CA ARG A 515 6.46 -21.46 -1.10
C ARG A 515 7.93 -21.17 -1.32
N LEU A 516 8.22 -19.92 -1.67
CA LEU A 516 9.52 -19.57 -2.14
C LEU A 516 10.68 -19.29 -1.22
N LEU A 517 10.41 -19.26 0.07
CA LEU A 517 11.43 -18.93 1.03
C LEU A 517 12.74 -19.71 0.92
N PRO A 518 12.68 -21.05 0.96
CA PRO A 518 13.93 -21.82 0.86
C PRO A 518 14.48 -21.79 -0.57
N VAL A 519 13.57 -21.79 -1.54
CA VAL A 519 13.93 -21.79 -2.95
C VAL A 519 14.83 -20.62 -3.31
N LEU A 520 15.13 -19.78 -2.30
CA LEU A 520 15.93 -18.58 -2.52
C LEU A 520 17.15 -18.45 -1.60
N CYS A 521 17.26 -19.29 -0.59
CA CYS A 521 18.38 -19.23 0.36
C CYS A 521 19.56 -20.13 -0.01
N GLN A 522 19.33 -21.44 0.01
CA GLN A 522 20.36 -22.39 -0.35
C GLN A 522 20.46 -22.43 -1.89
N ALA A 523 19.35 -22.18 -2.56
CA ALA A 523 19.26 -22.29 -4.00
C ALA A 523 19.27 -21.03 -4.85
N HIS A 524 19.14 -19.86 -4.22
CA HIS A 524 19.12 -18.59 -4.95
C HIS A 524 19.84 -17.43 -4.28
N GLY A 525 20.68 -17.73 -3.30
CA GLY A 525 21.49 -16.74 -2.62
C GLY A 525 20.93 -15.45 -2.02
N LEU A 526 19.70 -15.48 -1.51
CA LEU A 526 19.04 -14.30 -0.88
C LEU A 526 18.89 -14.79 0.54
N THR A 527 19.02 -13.87 1.47
CA THR A 527 18.95 -14.19 2.90
C THR A 527 17.51 -14.28 3.35
N PRO A 528 17.26 -14.34 4.69
CA PRO A 528 15.88 -14.35 5.20
C PRO A 528 15.35 -12.90 5.05
N ASP A 529 15.99 -11.97 5.76
CA ASP A 529 15.64 -10.54 5.74
C ASP A 529 15.50 -10.09 4.28
N GLN A 530 16.56 -10.31 3.48
CA GLN A 530 16.59 -9.94 2.04
C GLN A 530 15.29 -10.32 1.28
N VAL A 531 14.46 -11.19 1.85
CA VAL A 531 13.21 -11.66 1.21
C VAL A 531 11.92 -11.27 1.99
N VAL A 532 11.92 -11.40 3.33
CA VAL A 532 10.80 -10.89 4.12
C VAL A 532 10.61 -9.42 3.65
N ALA A 533 11.70 -8.70 3.38
CA ALA A 533 11.65 -7.32 2.90
C ALA A 533 11.06 -7.28 1.49
N ILE A 534 10.47 -8.37 1.05
CA ILE A 534 9.86 -8.39 -0.29
C ILE A 534 8.40 -8.69 0.03
N ALA A 535 8.23 -9.57 1.00
CA ALA A 535 6.93 -9.80 1.58
C ALA A 535 6.50 -8.47 2.25
N SER A 536 7.21 -8.05 3.32
CA SER A 536 6.85 -6.87 4.13
C SER A 536 6.32 -5.60 3.38
N ASN A 537 6.91 -5.31 2.23
CA ASN A 537 6.34 -4.25 1.41
C ASN A 537 5.06 -4.61 0.57
N GLY A 538 4.48 -3.58 -0.04
CA GLY A 538 3.28 -3.76 -0.85
C GLY A 538 3.30 -4.87 -1.89
N GLY A 539 4.47 -5.03 -2.54
CA GLY A 539 4.74 -6.02 -3.60
C GLY A 539 4.10 -7.41 -3.46
N GLY A 540 4.46 -8.11 -2.39
CA GLY A 540 3.89 -9.41 -2.04
C GLY A 540 4.32 -10.69 -2.77
N LYS A 541 3.38 -11.18 -3.58
CA LYS A 541 3.32 -12.51 -4.14
C LYS A 541 3.90 -12.21 -5.49
N GLN A 542 3.16 -11.51 -6.32
CA GLN A 542 3.59 -11.15 -7.67
C GLN A 542 5.03 -10.67 -7.75
N ALA A 543 5.57 -10.13 -6.64
CA ALA A 543 6.93 -9.65 -6.65
C ALA A 543 7.95 -10.75 -6.23
N LEU A 544 7.60 -11.61 -5.27
CA LEU A 544 8.47 -12.78 -4.89
C LEU A 544 8.57 -13.72 -6.09
N GLU A 545 7.50 -13.83 -6.85
CA GLU A 545 7.46 -14.70 -8.01
C GLU A 545 8.38 -14.20 -9.11
N THR A 546 8.08 -13.03 -9.68
CA THR A 546 8.92 -12.44 -10.71
C THR A 546 10.40 -12.50 -10.32
N VAL A 547 10.69 -12.56 -9.03
CA VAL A 547 12.05 -12.71 -8.60
C VAL A 547 12.54 -14.16 -9.02
N GLN A 548 12.00 -15.28 -8.54
CA GLN A 548 12.64 -16.49 -9.02
C GLN A 548 12.57 -16.53 -10.46
N ARG A 549 11.41 -16.30 -11.02
CA ARG A 549 11.37 -16.35 -12.45
C ARG A 549 12.42 -15.46 -13.14
N LEU A 550 12.55 -14.21 -12.71
CA LEU A 550 13.45 -13.29 -13.42
C LEU A 550 14.73 -12.76 -12.74
N LEU A 551 15.16 -13.34 -11.63
CA LEU A 551 16.38 -12.84 -10.98
C LEU A 551 17.62 -13.53 -11.52
N PRO A 552 17.50 -14.83 -11.90
CA PRO A 552 18.68 -15.50 -12.45
C PRO A 552 18.93 -14.82 -13.80
N VAL A 553 17.92 -14.90 -14.68
CA VAL A 553 17.95 -14.31 -16.02
C VAL A 553 18.55 -12.88 -16.04
N LEU A 554 17.88 -11.94 -15.39
CA LEU A 554 18.29 -10.53 -15.33
C LEU A 554 19.80 -10.31 -15.24
N CYS A 555 20.45 -11.17 -14.46
CA CYS A 555 21.89 -11.09 -14.27
C CYS A 555 22.72 -11.85 -15.32
N GLN A 556 22.11 -12.17 -16.47
CA GLN A 556 22.81 -12.85 -17.56
C GLN A 556 23.66 -11.79 -18.28
N ALA A 557 23.06 -10.84 -18.99
CA ALA A 557 23.83 -9.75 -19.60
C ALA A 557 23.21 -8.40 -19.28
N HIS A 558 22.61 -8.33 -18.09
CA HIS A 558 22.10 -7.06 -17.56
C HIS A 558 22.93 -6.70 -16.30
N GLY A 559 23.63 -7.68 -15.75
CA GLY A 559 24.48 -7.41 -14.59
C GLY A 559 23.80 -7.46 -13.24
N LEU A 560 23.22 -6.32 -12.85
CA LEU A 560 22.45 -6.07 -11.60
C LEU A 560 22.64 -6.75 -10.24
N THR A 561 23.83 -6.64 -9.63
CA THR A 561 24.11 -7.33 -8.36
C THR A 561 22.83 -7.43 -7.53
N PRO A 562 22.54 -8.63 -7.01
CA PRO A 562 21.33 -8.92 -6.21
C PRO A 562 20.85 -7.78 -5.34
N ASP A 563 21.78 -7.11 -4.69
CA ASP A 563 21.46 -5.96 -3.87
C ASP A 563 20.43 -5.20 -4.69
N GLN A 564 20.80 -4.96 -5.95
CA GLN A 564 19.98 -4.20 -6.91
C GLN A 564 18.59 -4.76 -7.16
N VAL A 565 18.48 -6.08 -7.28
CA VAL A 565 17.20 -6.76 -7.51
C VAL A 565 16.32 -6.71 -6.25
N VAL A 566 16.80 -7.25 -5.13
CA VAL A 566 16.02 -7.27 -3.90
C VAL A 566 15.43 -5.90 -3.58
N ALA A 567 16.10 -4.83 -4.02
CA ALA A 567 15.57 -3.50 -3.79
C ALA A 567 14.40 -3.32 -4.73
N ILE A 568 14.60 -3.65 -5.98
CA ILE A 568 13.55 -3.48 -6.98
C ILE A 568 12.27 -4.21 -6.63
N ALA A 569 12.36 -5.43 -6.14
CA ALA A 569 11.16 -6.19 -5.79
C ALA A 569 10.58 -5.73 -4.46
N SER A 570 11.06 -4.59 -3.95
CA SER A 570 10.59 -4.14 -2.65
C SER A 570 9.64 -2.96 -2.52
N ASN A 571 9.03 -2.53 -3.62
CA ASN A 571 8.03 -1.47 -3.59
C ASN A 571 6.69 -2.01 -4.03
N GLY A 572 5.78 -1.07 -4.30
CA GLY A 572 4.43 -1.41 -4.71
C GLY A 572 4.48 -1.93 -6.13
N GLY A 573 4.79 -1.03 -7.07
CA GLY A 573 4.87 -1.44 -8.46
C GLY A 573 6.02 -2.43 -8.69
N GLY A 574 6.08 -3.43 -7.80
CA GLY A 574 7.14 -4.43 -7.76
C GLY A 574 7.34 -5.22 -9.03
N LYS A 575 6.43 -6.17 -9.24
CA LYS A 575 6.41 -7.00 -10.40
C LYS A 575 6.53 -6.02 -11.58
N GLN A 576 5.69 -5.00 -11.65
CA GLN A 576 5.75 -4.03 -12.78
C GLN A 576 7.15 -3.47 -13.11
N ALA A 577 7.91 -3.13 -12.06
CA ALA A 577 9.26 -2.59 -12.22
C ALA A 577 10.22 -3.62 -12.83
N LEU A 578 10.50 -4.71 -12.09
CA LEU A 578 11.40 -5.80 -12.54
C LEU A 578 11.15 -6.07 -14.04
N GLU A 579 9.90 -6.33 -14.43
CA GLU A 579 9.60 -6.56 -15.82
C GLU A 579 10.09 -5.36 -16.61
N THR A 580 9.51 -4.18 -16.38
CA THR A 580 9.88 -3.01 -17.18
C THR A 580 11.38 -2.73 -17.26
N VAL A 581 12.14 -3.39 -16.39
CA VAL A 581 13.59 -3.24 -16.39
C VAL A 581 14.18 -4.19 -17.48
N GLN A 582 13.72 -5.43 -17.48
CA GLN A 582 14.06 -6.38 -18.52
C GLN A 582 13.76 -5.61 -19.81
N ARG A 583 12.66 -4.87 -19.84
CA ARG A 583 12.23 -4.14 -21.05
C ARG A 583 13.12 -3.02 -21.54
N LEU A 584 13.21 -1.95 -20.75
CA LEU A 584 13.95 -0.78 -21.19
C LEU A 584 15.39 -0.51 -20.66
N LEU A 585 16.02 -1.52 -20.05
CA LEU A 585 17.41 -1.35 -19.63
C LEU A 585 18.25 -0.97 -20.87
N PRO A 586 18.15 -1.73 -22.01
CA PRO A 586 18.89 -1.46 -23.24
C PRO A 586 18.47 -0.16 -23.91
N VAL A 587 17.16 0.07 -24.09
CA VAL A 587 16.67 1.31 -24.78
C VAL A 587 17.10 2.56 -24.00
N LEU A 588 17.87 2.34 -22.92
CA LEU A 588 18.37 3.42 -22.06
C LEU A 588 19.89 3.62 -22.18
N CYS A 589 20.61 2.51 -22.32
CA CYS A 589 22.06 2.57 -22.51
C CYS A 589 22.31 2.59 -24.03
N GLN A 590 21.47 1.87 -24.77
CA GLN A 590 21.55 1.84 -26.22
C GLN A 590 21.01 3.15 -26.84
N ALA A 591 20.55 4.06 -25.96
CA ALA A 591 20.03 5.37 -26.38
C ALA A 591 20.48 6.57 -25.52
N HIS A 592 20.53 6.41 -24.20
CA HIS A 592 20.90 7.50 -23.28
C HIS A 592 22.19 7.27 -22.51
N GLY A 593 22.88 6.17 -22.81
CA GLY A 593 24.13 5.91 -22.12
C GLY A 593 24.00 6.28 -20.66
N LEU A 594 22.87 5.84 -20.13
CA LEU A 594 22.40 5.93 -18.76
C LEU A 594 22.92 4.63 -18.02
N THR A 595 23.81 4.77 -17.02
CA THR A 595 24.39 3.61 -16.28
C THR A 595 23.38 2.63 -15.77
N GLN A 596 23.87 1.58 -15.14
CA GLN A 596 23.00 0.63 -14.52
C GLN A 596 22.55 1.21 -13.17
N VAL A 597 23.51 1.40 -12.27
CA VAL A 597 23.23 1.99 -10.96
C VAL A 597 22.18 3.10 -11.15
N GLN A 598 22.38 3.92 -12.19
CA GLN A 598 21.49 5.02 -12.49
C GLN A 598 20.04 4.60 -12.63
N VAL A 599 19.82 3.39 -13.18
CA VAL A 599 18.46 2.85 -13.42
C VAL A 599 17.91 1.98 -12.31
N VAL A 600 18.72 1.07 -11.76
CA VAL A 600 18.21 0.27 -10.67
C VAL A 600 17.62 1.27 -9.65
N ALA A 601 18.08 2.54 -9.65
CA ALA A 601 17.55 3.58 -8.76
C ALA A 601 16.24 4.20 -9.32
N ILE A 602 15.63 3.59 -10.31
CA ILE A 602 14.34 4.10 -10.79
C ILE A 602 13.33 2.94 -10.58
N ALA A 603 13.80 1.73 -10.85
CA ALA A 603 13.06 0.52 -10.62
C ALA A 603 12.90 0.29 -9.10
N SER A 604 13.33 1.24 -8.28
CA SER A 604 13.37 1.12 -6.82
C SER A 604 12.40 2.03 -6.02
N ASN A 605 11.29 2.36 -6.68
CA ASN A 605 10.30 3.30 -6.18
C ASN A 605 8.86 2.86 -6.47
N ILE A 606 7.99 3.29 -5.60
CA ILE A 606 6.61 2.90 -5.62
C ILE A 606 6.00 3.55 -6.82
N GLY A 607 6.22 2.84 -7.93
CA GLY A 607 5.71 3.28 -9.23
C GLY A 607 6.80 3.21 -10.25
N GLY A 608 7.50 2.08 -10.24
CA GLY A 608 8.60 1.82 -11.17
C GLY A 608 8.27 2.02 -12.65
N LYS A 609 7.60 1.04 -13.23
CA LYS A 609 7.20 1.11 -14.64
C LYS A 609 6.77 2.53 -15.03
N GLN A 610 5.95 3.15 -14.20
CA GLN A 610 5.43 4.45 -14.55
C GLN A 610 6.46 5.46 -14.87
N ALA A 611 7.67 5.17 -14.42
CA ALA A 611 8.78 6.09 -14.67
C ALA A 611 9.69 5.69 -15.85
N LEU A 612 10.16 4.44 -15.86
CA LEU A 612 11.04 4.01 -16.93
C LEU A 612 10.44 4.51 -18.28
N GLU A 613 9.25 4.02 -18.59
CA GLU A 613 8.62 4.41 -19.82
C GLU A 613 8.55 5.92 -19.93
N THR A 614 8.14 6.61 -18.85
CA THR A 614 7.96 8.06 -18.95
C THR A 614 9.29 8.86 -19.05
N VAL A 615 10.43 8.18 -18.88
CA VAL A 615 11.69 8.88 -19.11
C VAL A 615 12.06 8.62 -20.58
N GLN A 616 11.82 7.41 -21.07
CA GLN A 616 12.08 7.14 -22.48
C GLN A 616 11.57 8.29 -23.31
N ARG A 617 10.29 8.67 -23.19
CA ARG A 617 9.83 9.81 -23.98
C ARG A 617 10.55 11.05 -23.52
N LEU A 618 10.24 11.46 -22.28
CA LEU A 618 10.68 12.74 -21.76
C LEU A 618 12.12 13.07 -21.42
N LEU A 619 13.04 12.22 -21.87
CA LEU A 619 14.47 12.48 -21.68
C LEU A 619 14.90 13.34 -22.90
N PRO A 620 14.90 12.78 -24.14
CA PRO A 620 15.30 13.54 -25.34
C PRO A 620 14.70 14.93 -25.36
N VAL A 621 13.45 15.04 -24.96
CA VAL A 621 12.76 16.33 -24.97
C VAL A 621 13.47 17.39 -24.13
N LEU A 622 13.86 16.98 -22.93
CA LEU A 622 14.48 17.89 -21.99
C LEU A 622 15.90 18.33 -22.28
N CYS A 623 16.88 17.45 -22.07
CA CYS A 623 18.29 17.81 -22.27
C CYS A 623 18.50 18.57 -23.58
N GLN A 624 17.83 18.13 -24.66
CA GLN A 624 17.92 18.82 -25.96
C GLN A 624 17.29 20.22 -25.93
N ALA A 625 15.97 20.28 -25.79
CA ALA A 625 15.36 21.59 -25.88
C ALA A 625 15.33 22.52 -24.63
N HIS A 626 15.35 21.94 -23.43
CA HIS A 626 15.37 22.72 -22.21
C HIS A 626 16.65 22.94 -21.40
N GLY A 627 17.09 21.90 -20.71
CA GLY A 627 18.31 21.96 -19.93
C GLY A 627 18.39 21.02 -18.75
N LEU A 628 18.80 19.79 -19.02
CA LEU A 628 18.97 18.80 -17.96
C LEU A 628 19.89 17.81 -18.67
N THR A 629 20.59 16.98 -17.92
CA THR A 629 21.66 16.15 -18.56
C THR A 629 20.90 14.87 -18.35
N PRO A 630 21.65 13.73 -18.33
CA PRO A 630 20.86 12.62 -17.85
C PRO A 630 20.55 12.82 -16.28
N ALA A 631 21.56 12.99 -15.42
CA ALA A 631 21.41 13.12 -13.95
C ALA A 631 20.14 13.77 -13.46
N GLN A 632 19.94 14.99 -13.95
CA GLN A 632 18.78 15.83 -13.66
C GLN A 632 17.46 15.21 -14.08
N VAL A 633 17.50 14.25 -15.00
CA VAL A 633 16.28 13.53 -15.35
C VAL A 633 16.14 12.39 -14.31
N VAL A 634 17.17 11.58 -14.17
CA VAL A 634 17.09 10.49 -13.22
C VAL A 634 16.83 11.00 -11.76
N ALA A 635 17.44 12.12 -11.40
CA ALA A 635 17.25 12.70 -10.07
C ALA A 635 15.76 13.06 -9.92
N ILE A 636 15.22 13.77 -10.90
CA ILE A 636 13.81 14.12 -10.90
C ILE A 636 12.96 12.85 -10.94
N ALA A 637 13.49 11.81 -11.57
CA ALA A 637 12.70 10.59 -11.80
C ALA A 637 12.65 9.49 -10.79
N SER A 638 13.53 9.52 -9.80
CA SER A 638 13.59 8.47 -8.76
C SER A 638 12.85 8.37 -7.43
N HIS A 639 11.62 8.87 -7.39
CA HIS A 639 10.84 8.82 -6.15
C HIS A 639 9.56 8.04 -6.45
N ASP A 640 8.85 7.64 -5.39
CA ASP A 640 7.59 6.94 -5.57
C ASP A 640 6.91 7.96 -6.47
N GLY A 641 6.35 7.50 -7.57
CA GLY A 641 5.89 8.42 -8.62
C GLY A 641 6.71 9.28 -9.57
N GLY A 642 7.70 8.63 -10.23
CA GLY A 642 8.59 9.33 -11.14
C GLY A 642 7.83 9.99 -12.25
N LYS A 643 6.94 9.21 -12.83
CA LYS A 643 6.11 9.69 -13.93
C LYS A 643 5.60 11.14 -13.75
N GLN A 644 4.74 11.37 -12.75
CA GLN A 644 4.14 12.66 -12.65
C GLN A 644 5.12 13.84 -12.71
N ALA A 645 6.16 13.70 -11.90
CA ALA A 645 7.20 14.68 -11.90
C ALA A 645 7.66 15.11 -13.31
N LEU A 646 8.22 14.16 -14.09
CA LEU A 646 8.77 14.45 -15.45
C LEU A 646 7.76 15.20 -16.38
N GLU A 647 6.57 14.59 -16.47
CA GLU A 647 5.43 15.11 -17.19
C GLU A 647 5.12 16.55 -16.81
N THR A 648 5.23 16.87 -15.53
CA THR A 648 4.84 18.19 -15.05
C THR A 648 5.93 19.22 -15.26
N VAL A 649 7.04 18.74 -15.80
CA VAL A 649 8.14 19.59 -16.16
C VAL A 649 7.86 19.91 -17.66
N GLN A 650 8.03 18.91 -18.53
CA GLN A 650 7.79 19.07 -19.98
C GLN A 650 6.60 19.97 -20.30
N ARG A 651 5.61 19.94 -19.39
CA ARG A 651 4.40 20.75 -19.50
C ARG A 651 4.69 22.10 -18.87
N LEU A 652 5.08 22.09 -17.61
CA LEU A 652 5.29 23.33 -16.87
C LEU A 652 6.71 23.88 -16.65
N LEU A 653 7.73 23.19 -17.15
CA LEU A 653 9.11 23.66 -16.96
C LEU A 653 9.34 25.09 -17.45
N PRO A 654 9.19 25.35 -18.78
CA PRO A 654 9.41 26.66 -19.44
C PRO A 654 8.86 27.89 -18.78
N VAL A 655 7.55 27.84 -18.69
CA VAL A 655 6.65 28.78 -18.04
C VAL A 655 7.20 29.32 -16.68
N LEU A 656 7.94 28.48 -15.95
CA LEU A 656 8.46 28.87 -14.63
C LEU A 656 9.67 29.78 -14.78
N CYS A 657 10.22 29.83 -15.99
CA CYS A 657 11.35 30.72 -16.28
C CYS A 657 10.84 31.77 -17.30
N GLN A 658 9.89 31.37 -18.13
CA GLN A 658 9.31 32.26 -19.12
C GLN A 658 8.26 33.20 -18.49
N ALA A 659 7.94 32.96 -17.23
CA ALA A 659 7.04 33.87 -16.57
C ALA A 659 7.62 33.96 -15.13
N HIS A 660 7.92 32.81 -14.53
CA HIS A 660 8.45 32.77 -13.16
C HIS A 660 10.01 32.82 -12.85
N GLY A 661 10.87 32.93 -13.88
CA GLY A 661 12.33 33.01 -13.73
C GLY A 661 13.01 32.26 -12.60
N LEU A 662 12.64 30.98 -12.46
CA LEU A 662 13.18 30.10 -11.44
C LEU A 662 14.32 29.49 -12.24
N THR A 663 15.57 29.68 -11.82
CA THR A 663 16.69 29.13 -12.59
C THR A 663 16.45 27.61 -12.72
N PRO A 664 16.15 27.14 -13.95
CA PRO A 664 15.85 25.73 -14.26
C PRO A 664 16.39 24.68 -13.34
N ASP A 665 17.63 24.88 -12.87
CA ASP A 665 18.29 23.98 -11.92
C ASP A 665 17.56 24.05 -10.58
N GLN A 666 16.85 25.15 -10.34
CA GLN A 666 16.02 25.32 -9.13
C GLN A 666 14.63 24.65 -9.36
N VAL A 667 14.25 24.43 -10.64
CA VAL A 667 12.99 23.76 -10.98
C VAL A 667 13.16 22.25 -11.08
N VAL A 668 14.32 21.76 -11.46
CA VAL A 668 14.59 20.33 -11.42
C VAL A 668 14.76 20.03 -9.89
N ALA A 669 14.47 20.99 -9.02
CA ALA A 669 14.61 20.77 -7.60
C ALA A 669 13.26 20.85 -6.86
N ILE A 670 12.31 21.64 -7.32
CA ILE A 670 11.04 21.66 -6.60
C ILE A 670 10.28 20.45 -7.14
N ALA A 671 10.99 19.46 -7.65
CA ALA A 671 10.34 18.37 -8.32
C ALA A 671 11.04 17.05 -8.20
N SER A 672 11.94 16.88 -7.23
CA SER A 672 12.53 15.56 -7.10
C SER A 672 12.39 15.08 -5.68
N ASN A 673 11.24 15.32 -5.06
CA ASN A 673 10.95 14.73 -3.74
C ASN A 673 9.58 14.08 -4.24
N GLY A 674 9.11 13.08 -3.52
CA GLY A 674 7.94 12.31 -3.89
C GLY A 674 6.68 12.97 -4.34
N GLY A 675 6.37 14.14 -3.83
CA GLY A 675 5.13 14.79 -4.29
C GLY A 675 5.41 15.82 -5.37
N GLY A 676 6.25 15.42 -6.34
CA GLY A 676 6.76 16.27 -7.41
C GLY A 676 5.81 17.11 -8.21
N LYS A 677 5.04 16.40 -9.06
CA LYS A 677 4.07 17.06 -9.90
C LYS A 677 3.31 18.09 -9.12
N GLN A 678 3.00 17.73 -7.88
CA GLN A 678 2.15 18.51 -7.01
C GLN A 678 2.74 19.75 -6.46
N ALA A 679 4.05 19.77 -6.29
CA ALA A 679 4.69 20.93 -5.74
C ALA A 679 4.90 21.88 -6.91
N LEU A 680 5.40 21.36 -8.06
CA LEU A 680 5.58 22.21 -9.29
C LEU A 680 4.32 23.08 -9.50
N GLU A 681 3.21 22.37 -9.80
CA GLU A 681 1.90 22.96 -9.98
C GLU A 681 1.55 23.99 -8.89
N THR A 682 1.87 23.69 -7.64
CA THR A 682 1.50 24.63 -6.60
C THR A 682 2.40 25.84 -6.48
N VAL A 683 3.53 25.81 -7.20
CA VAL A 683 4.40 26.99 -7.29
C VAL A 683 3.73 27.82 -8.42
N GLN A 684 3.52 27.21 -9.59
CA GLN A 684 2.84 27.88 -10.70
C GLN A 684 1.66 28.67 -10.14
N ARG A 685 0.75 27.97 -9.49
CA ARG A 685 -0.40 28.62 -8.91
C ARG A 685 -0.05 29.71 -7.96
N LEU A 686 0.48 29.29 -6.83
CA LEU A 686 0.66 30.14 -5.68
C LEU A 686 1.74 31.22 -5.51
N LEU A 687 2.88 31.05 -6.19
CA LEU A 687 4.05 31.96 -6.05
C LEU A 687 3.67 33.40 -5.65
N PRO A 688 2.82 34.07 -6.46
CA PRO A 688 2.30 35.40 -6.15
C PRO A 688 1.50 35.28 -4.84
N GLY A 695 4.62 38.88 -0.55
CA GLY A 695 5.81 38.93 0.27
C GLY A 695 6.69 37.74 0.55
N LEU A 696 7.64 37.47 -0.35
CA LEU A 696 8.56 36.34 -0.20
C LEU A 696 9.42 36.28 -1.47
N THR A 697 10.40 35.39 -1.50
CA THR A 697 11.36 35.34 -2.63
C THR A 697 11.36 34.02 -3.38
N GLN A 698 12.33 33.85 -4.27
CA GLN A 698 12.43 32.63 -5.06
C GLN A 698 13.39 31.61 -4.45
N GLU A 699 14.53 32.07 -3.96
CA GLU A 699 15.44 31.21 -3.21
C GLU A 699 14.57 30.60 -2.07
N GLN A 700 13.82 31.49 -1.41
CA GLN A 700 12.92 31.18 -0.32
C GLN A 700 11.72 30.34 -0.66
N VAL A 701 11.19 30.50 -1.89
CA VAL A 701 10.01 29.69 -2.25
C VAL A 701 10.43 28.33 -2.82
N VAL A 702 11.34 28.29 -3.80
CA VAL A 702 11.88 26.99 -4.22
C VAL A 702 12.13 26.17 -2.91
N ALA A 703 12.74 26.80 -1.90
CA ALA A 703 12.99 26.12 -0.63
C ALA A 703 11.74 25.49 -0.01
N ILE A 704 10.76 26.29 0.41
CA ILE A 704 9.56 25.73 1.05
C ILE A 704 8.86 24.62 0.28
N ALA A 705 8.97 24.61 -1.01
CA ALA A 705 8.27 23.60 -1.76
C ALA A 705 9.14 22.39 -2.11
N SER A 706 10.41 22.49 -1.83
CA SER A 706 11.31 21.41 -2.17
C SER A 706 11.27 20.10 -1.39
N ASN A 707 10.43 19.97 -0.37
CA ASN A 707 10.36 18.72 0.41
C ASN A 707 9.04 18.03 0.14
N ASN A 708 8.82 16.94 0.83
CA ASN A 708 7.60 16.20 0.67
C ASN A 708 6.36 17.07 0.96
N GLY A 709 6.45 17.92 2.00
CA GLY A 709 5.39 18.92 2.25
C GLY A 709 4.93 19.58 0.92
N GLY A 710 5.90 20.04 0.08
CA GLY A 710 5.63 20.63 -1.24
C GLY A 710 4.41 21.51 -1.34
N LYS A 711 3.30 20.86 -1.67
CA LYS A 711 1.99 21.41 -1.83
C LYS A 711 1.37 21.90 -0.53
N GLN A 712 1.02 20.98 0.37
CA GLN A 712 0.37 21.40 1.62
C GLN A 712 1.23 22.38 2.39
N ALA A 713 2.44 22.57 1.89
CA ALA A 713 3.43 23.44 2.51
C ALA A 713 2.99 24.89 2.28
N LEU A 714 3.02 25.30 1.00
CA LEU A 714 2.60 26.60 0.59
C LEU A 714 1.16 26.88 1.02
N GLU A 715 0.24 26.02 0.57
CA GLU A 715 -1.19 26.16 0.86
C GLU A 715 -1.41 26.55 2.32
N THR A 716 -0.76 25.85 3.24
CA THR A 716 -0.88 26.18 4.65
C THR A 716 -0.16 27.50 4.94
N VAL A 717 0.95 27.76 4.24
CA VAL A 717 1.68 29.02 4.47
C VAL A 717 0.75 30.19 4.28
N GLN A 718 0.19 30.32 3.09
CA GLN A 718 -0.81 31.35 2.83
C GLN A 718 -1.83 31.34 3.99
N ARG A 719 -2.41 30.17 4.24
CA ARG A 719 -3.43 29.99 5.27
C ARG A 719 -3.07 30.57 6.63
N LEU A 720 -1.79 30.47 6.99
CA LEU A 720 -1.32 30.87 8.32
C LEU A 720 -0.30 32.01 8.46
N LEU A 721 0.52 32.23 7.44
CA LEU A 721 1.50 33.32 7.42
C LEU A 721 0.81 34.51 8.11
N PRO A 722 -0.38 34.94 7.65
CA PRO A 722 -1.14 36.03 8.27
C PRO A 722 -1.38 35.83 9.77
N VAL A 723 -2.18 34.84 10.09
CA VAL A 723 -2.53 34.44 11.46
C VAL A 723 -1.30 34.28 12.37
N LEU A 724 -0.18 33.90 11.77
CA LEU A 724 1.04 33.64 12.55
C LEU A 724 1.86 34.87 13.01
N CYS A 725 2.05 35.83 12.11
CA CYS A 725 2.80 37.02 12.44
C CYS A 725 2.06 37.91 13.45
N GLN A 726 1.01 37.34 14.05
CA GLN A 726 0.14 38.00 15.01
C GLN A 726 0.07 37.34 16.37
N ALA A 727 0.92 36.34 16.58
CA ALA A 727 1.06 35.73 17.91
C ALA A 727 2.40 36.36 18.36
N HIS A 728 2.85 36.06 19.59
CA HIS A 728 4.10 36.67 20.07
C HIS A 728 5.21 36.05 19.27
N GLY A 729 4.81 35.30 18.26
CA GLY A 729 5.68 34.47 17.47
C GLY A 729 6.75 34.83 16.46
N LEU A 730 6.32 35.32 15.30
CA LEU A 730 7.03 35.08 14.09
C LEU A 730 7.33 36.34 13.33
N THR A 731 7.98 36.16 12.20
CA THR A 731 8.42 37.25 11.36
C THR A 731 8.04 36.67 10.03
N PRO A 732 8.67 37.11 8.92
CA PRO A 732 8.36 36.40 7.68
C PRO A 732 9.36 35.21 7.56
N ASP A 733 10.62 35.52 7.86
CA ASP A 733 11.78 34.60 7.90
C ASP A 733 11.46 33.32 8.69
N GLN A 734 11.05 33.50 9.95
CA GLN A 734 10.79 32.41 10.86
C GLN A 734 9.84 31.32 10.36
N VAL A 735 8.60 31.69 10.07
CA VAL A 735 7.62 30.73 9.57
C VAL A 735 8.22 29.98 8.36
N VAL A 736 8.82 30.71 7.46
CA VAL A 736 9.44 30.10 6.30
C VAL A 736 10.36 28.94 6.72
N ALA A 737 11.21 29.17 7.74
CA ALA A 737 12.17 28.18 8.24
C ALA A 737 11.44 27.02 8.89
N ILE A 738 10.31 27.32 9.53
CA ILE A 738 9.43 26.32 10.12
C ILE A 738 8.97 25.41 8.97
N ALA A 739 8.66 25.99 7.81
CA ALA A 739 8.12 25.26 6.67
C ALA A 739 9.04 24.68 5.62
N SER A 740 10.31 24.97 5.68
CA SER A 740 11.26 24.45 4.68
C SER A 740 11.64 22.98 4.98
N ASN A 741 10.76 22.28 5.72
CA ASN A 741 10.98 20.92 6.20
C ASN A 741 9.81 19.96 5.97
N GLY A 742 10.10 18.68 5.79
CA GLY A 742 9.05 17.71 5.54
C GLY A 742 7.78 17.87 6.36
N GLY A 743 7.80 17.79 7.67
CA GLY A 743 6.50 17.85 8.34
C GLY A 743 5.88 19.23 8.38
N GLY A 744 5.94 19.91 7.25
CA GLY A 744 5.58 21.32 7.18
C GLY A 744 4.27 21.79 7.75
N LYS A 745 3.27 21.48 6.96
CA LYS A 745 1.92 21.74 7.33
C LYS A 745 1.71 21.21 8.75
N GLN A 746 2.23 20.06 9.04
CA GLN A 746 2.09 19.53 10.40
C GLN A 746 2.76 20.46 11.45
N ALA A 747 3.95 20.99 11.15
CA ALA A 747 4.70 21.79 12.08
C ALA A 747 3.93 23.03 12.31
N LEU A 748 3.66 23.78 11.22
CA LEU A 748 2.88 25.07 11.31
C LEU A 748 1.61 24.94 12.17
N GLU A 749 0.65 24.17 11.69
CA GLU A 749 -0.58 23.93 12.43
C GLU A 749 -0.35 23.40 13.86
N THR A 750 0.89 23.09 14.22
CA THR A 750 1.13 22.63 15.58
C THR A 750 1.81 23.76 16.36
N VAL A 751 2.38 24.72 15.63
CA VAL A 751 2.96 25.90 16.29
C VAL A 751 1.65 26.68 16.58
N GLN A 752 0.82 26.81 15.54
CA GLN A 752 -0.42 27.55 15.69
C GLN A 752 -1.28 26.99 16.83
N ARG A 753 -1.58 25.71 16.78
CA ARG A 753 -2.41 25.15 17.82
C ARG A 753 -1.74 25.10 19.20
N LEU A 754 -0.43 25.28 19.26
CA LEU A 754 0.22 25.18 20.54
C LEU A 754 1.28 26.23 20.91
N LEU A 755 1.45 27.31 20.13
CA LEU A 755 2.48 28.31 20.46
C LEU A 755 2.18 28.87 21.87
N PRO A 756 0.97 29.44 22.11
CA PRO A 756 0.73 29.92 23.48
C PRO A 756 -0.07 28.93 24.34
N VAL A 757 0.56 27.85 24.78
CA VAL A 757 -0.07 26.84 25.65
C VAL A 757 0.91 26.38 26.74
N LEU A 758 2.17 26.25 26.34
CA LEU A 758 3.20 25.81 27.28
C LEU A 758 4.05 27.00 27.76
N CYS A 759 3.89 28.16 27.13
CA CYS A 759 4.54 29.40 27.57
C CYS A 759 3.79 29.82 28.85
N GLN A 760 2.88 28.96 29.29
CA GLN A 760 2.09 29.15 30.51
C GLN A 760 2.28 27.86 31.33
N ALA A 761 3.36 27.15 30.98
CA ALA A 761 3.80 25.90 31.61
C ALA A 761 5.34 25.95 31.69
N HIS A 762 5.93 26.82 30.86
CA HIS A 762 7.39 27.12 30.85
C HIS A 762 7.54 28.51 30.29
N GLY A 763 8.72 28.89 29.85
CA GLY A 763 8.82 30.24 29.35
C GLY A 763 9.15 30.53 27.92
N LEU A 764 9.09 29.48 27.11
CA LEU A 764 9.47 29.57 25.72
C LEU A 764 9.22 30.86 25.00
N THR A 765 10.30 31.57 24.71
CA THR A 765 10.15 32.72 23.86
C THR A 765 9.59 32.03 22.61
N PRO A 766 8.96 32.78 21.71
CA PRO A 766 8.47 32.09 20.53
C PRO A 766 9.69 31.56 19.79
N ALA A 767 10.84 32.21 19.99
CA ALA A 767 12.11 31.80 19.35
C ALA A 767 12.37 30.32 19.61
N GLN A 768 12.43 29.98 20.89
CA GLN A 768 12.65 28.58 21.32
C GLN A 768 11.66 27.62 20.64
N VAL A 769 10.41 28.02 20.61
CA VAL A 769 9.38 27.25 19.95
C VAL A 769 9.79 27.07 18.49
N VAL A 770 10.05 28.17 17.78
CA VAL A 770 10.38 28.07 16.37
C VAL A 770 11.55 27.12 16.11
N ALA A 771 12.48 27.04 17.08
CA ALA A 771 13.64 26.14 17.03
C ALA A 771 13.18 24.70 17.13
N ILE A 772 12.16 24.45 17.90
CA ILE A 772 11.71 23.06 18.05
C ILE A 772 11.00 22.59 16.83
N ALA A 773 10.35 23.55 16.16
CA ALA A 773 9.56 23.25 15.01
C ALA A 773 10.19 23.56 13.65
N SER A 774 11.28 24.31 13.60
CA SER A 774 11.96 24.61 12.32
C SER A 774 12.74 23.38 11.85
N ASN A 775 12.46 22.29 12.57
CA ASN A 775 12.99 20.91 12.41
C ASN A 775 12.01 19.82 11.89
N ILE A 776 12.54 18.84 11.18
CA ILE A 776 11.71 17.74 10.71
C ILE A 776 10.96 17.02 11.87
N GLY A 777 9.66 16.89 11.74
CA GLY A 777 8.99 16.21 12.80
C GLY A 777 8.57 17.14 13.90
N GLY A 778 8.31 18.42 13.53
CA GLY A 778 7.86 19.46 14.43
C GLY A 778 6.67 18.93 15.18
N LYS A 779 5.56 18.77 14.46
CA LYS A 779 4.32 18.29 15.05
C LYS A 779 4.56 17.36 16.23
N GLN A 780 5.45 16.38 16.08
CA GLN A 780 5.79 15.43 17.15
C GLN A 780 6.71 16.07 18.26
N ALA A 781 7.65 16.93 17.87
CA ALA A 781 8.52 17.62 18.79
C ALA A 781 7.73 18.71 19.55
N LEU A 782 6.80 19.45 18.94
CA LEU A 782 6.04 20.42 19.75
C LEU A 782 5.15 19.58 20.68
N GLU A 783 4.25 18.77 20.12
CA GLU A 783 3.37 17.94 20.94
C GLU A 783 4.09 17.29 22.10
N THR A 784 5.09 16.45 21.84
CA THR A 784 5.78 15.78 22.95
C THR A 784 6.32 16.81 23.96
N VAL A 785 6.91 17.88 23.46
CA VAL A 785 7.39 18.88 24.38
C VAL A 785 6.25 19.27 25.31
N GLN A 786 5.04 19.43 24.78
CA GLN A 786 3.92 19.81 25.63
C GLN A 786 3.49 18.74 26.63
N ARG A 787 3.34 17.52 26.19
CA ARG A 787 2.86 16.48 27.07
C ARG A 787 3.88 15.89 28.04
N LEU A 788 5.14 16.18 27.81
CA LEU A 788 6.18 15.57 28.64
C LEU A 788 7.06 16.60 29.39
N LEU A 789 6.77 17.89 29.23
CA LEU A 789 7.58 18.94 29.88
C LEU A 789 7.43 18.85 31.42
N PRO A 790 6.17 18.85 31.93
CA PRO A 790 5.87 18.72 33.35
C PRO A 790 6.76 17.72 34.09
N VAL A 791 6.62 16.43 33.73
CA VAL A 791 7.36 15.34 34.37
C VAL A 791 8.88 15.55 34.62
N LEU A 792 9.63 15.91 33.58
CA LEU A 792 11.06 16.11 33.71
C LEU A 792 11.48 17.20 34.68
N CYS A 793 11.10 18.44 34.36
CA CYS A 793 11.40 19.62 35.18
C CYS A 793 11.04 19.45 36.66
N GLN A 794 9.88 18.83 36.92
CA GLN A 794 9.36 18.62 38.26
C GLN A 794 9.98 17.45 39.00
N ASP A 795 10.02 16.28 38.36
CA ASP A 795 10.62 15.10 38.99
C ASP A 795 12.14 15.06 38.82
N HIS A 796 12.62 15.07 37.56
CA HIS A 796 14.05 14.97 37.26
C HIS A 796 14.81 16.29 37.31
N GLY A 797 14.08 17.38 37.47
CA GLY A 797 14.75 18.65 37.61
C GLY A 797 15.33 19.25 36.35
N LEU A 798 15.38 18.44 35.30
CA LEU A 798 15.85 18.90 33.99
C LEU A 798 15.25 20.30 33.86
N THR A 799 16.07 21.24 33.44
CA THR A 799 15.66 22.64 33.35
C THR A 799 14.77 22.85 32.20
N LEU A 800 14.64 24.09 31.81
CA LEU A 800 13.93 24.35 30.59
C LEU A 800 15.02 24.10 29.50
N ALA A 801 16.03 24.96 29.43
CA ALA A 801 17.08 24.86 28.43
C ALA A 801 17.51 23.44 28.16
N GLN A 802 17.67 22.64 29.20
CA GLN A 802 18.06 21.27 28.94
C GLN A 802 16.99 20.58 28.05
N VAL A 803 15.74 20.61 28.48
CA VAL A 803 14.66 20.00 27.70
C VAL A 803 14.54 20.60 26.31
N VAL A 804 14.93 21.86 26.15
CA VAL A 804 14.81 22.47 24.82
C VAL A 804 15.98 22.13 23.93
N ALA A 805 17.14 21.92 24.51
CA ALA A 805 18.31 21.42 23.76
C ALA A 805 17.94 20.00 23.22
N ILE A 806 17.21 19.23 24.04
CA ILE A 806 16.82 17.89 23.70
C ILE A 806 15.87 17.89 22.52
N ALA A 807 14.80 18.66 22.68
CA ALA A 807 13.68 18.65 21.75
C ALA A 807 13.81 19.32 20.44
N SER A 808 14.87 20.11 20.30
CA SER A 808 15.05 20.84 19.08
C SER A 808 16.07 20.31 18.07
N ASN A 809 16.29 19.01 18.14
CA ASN A 809 17.16 18.34 17.19
C ASN A 809 16.18 17.47 16.44
N ILE A 810 16.65 16.78 15.42
CA ILE A 810 15.76 15.94 14.68
C ILE A 810 15.49 14.61 15.34
N GLY A 811 14.33 14.51 15.96
CA GLY A 811 13.95 13.27 16.60
C GLY A 811 13.56 13.62 18.00
N GLY A 812 12.95 14.79 18.14
CA GLY A 812 12.60 15.24 19.48
C GLY A 812 11.79 14.22 20.23
N LYS A 813 10.68 13.83 19.62
CA LYS A 813 9.82 12.87 20.23
C LYS A 813 10.58 11.64 20.65
N GLN A 814 11.44 11.12 19.79
CA GLN A 814 12.19 9.95 20.21
C GLN A 814 13.14 10.35 21.30
N ALA A 815 13.80 11.50 21.10
CA ALA A 815 14.80 11.99 22.05
C ALA A 815 14.25 12.06 23.45
N LEU A 816 13.13 12.74 23.59
CA LEU A 816 12.46 12.87 24.86
C LEU A 816 11.89 11.51 25.38
N GLU A 817 10.90 10.99 24.67
CA GLU A 817 10.28 9.77 25.09
C GLU A 817 11.27 8.68 25.35
N THR A 818 12.52 8.87 24.97
CA THR A 818 13.51 7.84 25.33
C THR A 818 14.31 8.40 26.50
N VAL A 819 14.39 9.72 26.60
CA VAL A 819 15.18 10.26 27.66
C VAL A 819 14.42 9.97 28.92
N GLN A 820 13.23 10.52 29.10
CA GLN A 820 12.45 10.30 30.33
C GLN A 820 12.42 8.82 30.73
N ARG A 821 12.04 7.96 29.79
CA ARG A 821 12.01 6.52 29.96
C ARG A 821 13.26 5.97 30.57
N LEU A 822 14.41 6.44 30.14
CA LEU A 822 15.67 5.90 30.61
C LEU A 822 16.51 6.80 31.54
N LEU A 823 15.98 7.95 31.96
CA LEU A 823 16.82 8.83 32.79
C LEU A 823 17.12 8.19 34.12
N PRO A 824 16.11 8.06 35.02
CA PRO A 824 16.39 7.45 36.33
C PRO A 824 17.46 6.39 36.26
N VAL A 825 17.16 5.36 35.48
CA VAL A 825 18.01 4.19 35.28
C VAL A 825 19.53 4.45 35.03
N LEU A 826 19.88 5.58 34.44
CA LEU A 826 21.29 5.84 34.16
C LEU A 826 22.10 6.38 35.33
N CYS A 827 21.63 7.48 35.92
CA CYS A 827 22.29 8.11 37.05
C CYS A 827 22.57 7.00 38.06
N GLN A 828 21.55 6.23 38.43
CA GLN A 828 21.75 5.09 39.34
C GLN A 828 21.84 3.76 38.58
N GLY A 831 26.80 4.70 37.34
CA GLY A 831 27.26 6.06 37.52
C GLY A 831 27.29 7.03 36.35
N LEU A 832 26.12 7.29 35.76
CA LEU A 832 26.04 8.31 34.72
C LEU A 832 25.55 9.55 35.46
N THR A 833 25.74 10.72 34.84
CA THR A 833 25.28 11.96 35.44
C THR A 833 24.16 12.58 34.62
N GLN A 834 23.33 13.41 35.26
CA GLN A 834 22.22 14.03 34.56
C GLN A 834 22.60 14.68 33.21
N ASP A 835 23.53 15.62 33.26
CA ASP A 835 23.98 16.33 32.04
C ASP A 835 24.67 15.42 31.04
N GLN A 836 25.32 14.35 31.51
CA GLN A 836 25.99 13.38 30.62
C GLN A 836 24.91 12.73 29.77
N VAL A 837 23.80 12.38 30.39
CA VAL A 837 22.67 11.78 29.65
C VAL A 837 22.10 12.81 28.67
N VAL A 838 21.66 13.94 29.22
CA VAL A 838 21.08 15.04 28.46
C VAL A 838 21.96 15.39 27.28
N ALA A 839 23.28 15.48 27.49
CA ALA A 839 24.28 15.71 26.43
C ALA A 839 24.23 14.66 25.30
N ILE A 840 24.41 13.39 25.64
CA ILE A 840 24.33 12.23 24.75
C ILE A 840 23.01 12.31 24.01
N ALA A 841 21.96 12.79 24.67
CA ALA A 841 20.62 12.88 24.05
C ALA A 841 20.41 14.16 23.24
N SER A 842 21.20 15.18 23.54
CA SER A 842 21.08 16.50 22.91
C SER A 842 21.76 16.56 21.59
N ASN A 843 21.79 15.42 20.92
CA ASN A 843 22.35 15.35 19.56
C ASN A 843 21.35 14.65 18.61
N ILE A 844 21.45 14.86 17.31
CA ILE A 844 20.47 14.19 16.44
C ILE A 844 20.59 12.66 16.71
N GLY A 845 19.46 11.99 16.71
CA GLY A 845 19.52 10.56 16.97
C GLY A 845 20.03 10.22 18.35
N GLY A 846 19.63 11.05 19.32
CA GLY A 846 20.00 10.88 20.71
C GLY A 846 19.33 9.60 21.17
N LYS A 847 18.06 9.43 20.89
CA LYS A 847 17.39 8.19 21.30
C LYS A 847 18.31 7.00 21.09
N GLN A 848 18.76 6.74 19.85
CA GLN A 848 19.70 5.64 19.56
C GLN A 848 21.00 5.76 20.40
N ALA A 849 21.67 6.92 20.39
CA ALA A 849 22.89 7.08 21.19
C ALA A 849 22.70 6.61 22.67
N LEU A 850 21.65 7.10 23.33
CA LEU A 850 21.32 6.73 24.71
C LEU A 850 21.24 5.20 24.79
N GLU A 851 20.36 4.58 24.00
CA GLU A 851 20.23 3.13 24.00
C GLU A 851 21.59 2.39 23.90
N THR A 852 22.29 2.47 22.79
CA THR A 852 23.58 1.76 22.66
C THR A 852 24.49 1.90 23.90
N VAL A 853 24.31 2.96 24.69
CA VAL A 853 25.06 3.12 25.96
C VAL A 853 24.41 2.17 26.97
N GLN A 854 23.16 2.45 27.38
CA GLN A 854 22.41 1.56 28.29
C GLN A 854 22.83 0.10 28.03
N ARG A 855 22.90 -0.25 26.75
CA ARG A 855 23.27 -1.59 26.27
C ARG A 855 24.74 -1.99 26.36
N LEU A 856 25.58 -1.33 25.56
CA LEU A 856 27.01 -1.63 25.51
C LEU A 856 27.80 -0.86 26.58
N LEU A 857 27.08 -0.55 27.65
CA LEU A 857 27.64 0.13 28.82
C LEU A 857 28.75 -0.72 29.46
N PRO A 858 28.40 -1.91 29.99
CA PRO A 858 29.44 -2.71 30.65
C PRO A 858 30.61 -3.23 29.89
N VAL A 859 30.32 -3.80 28.73
CA VAL A 859 31.31 -4.42 27.86
C VAL A 859 32.66 -3.71 27.80
N LEU A 860 32.67 -2.39 27.99
CA LEU A 860 33.89 -1.59 27.92
C LEU A 860 34.49 -1.27 29.29
N CYS A 861 33.66 -1.27 30.32
CA CYS A 861 34.24 -1.05 31.62
C CYS A 861 34.92 -2.46 31.87
N GLN A 862 34.17 -3.53 31.65
CA GLN A 862 34.62 -4.93 31.83
C GLN A 862 35.74 -5.60 30.96
N ASP A 863 35.85 -5.26 29.67
CA ASP A 863 36.80 -5.94 28.76
C ASP A 863 38.18 -5.49 28.28
N HIS A 864 38.21 -4.46 27.44
CA HIS A 864 39.44 -3.89 26.92
C HIS A 864 39.46 -2.55 27.58
N GLY A 865 39.34 -2.61 28.90
CA GLY A 865 38.87 -1.52 29.72
C GLY A 865 38.73 -0.10 29.20
N LEU A 866 37.62 0.54 29.57
CA LEU A 866 37.32 1.95 29.25
C LEU A 866 36.42 2.49 30.35
N THR A 867 36.56 3.77 30.66
CA THR A 867 35.81 4.44 31.73
C THR A 867 34.52 5.10 31.25
N PRO A 868 33.49 5.10 32.10
CA PRO A 868 32.19 5.69 31.76
C PRO A 868 32.27 6.98 30.96
N ASP A 869 33.30 7.77 31.20
CA ASP A 869 33.41 9.09 30.60
C ASP A 869 33.95 9.14 29.19
N GLN A 870 34.99 8.36 28.93
CA GLN A 870 35.53 8.27 27.58
C GLN A 870 34.37 7.75 26.72
N VAL A 871 33.63 6.79 27.27
CA VAL A 871 32.47 6.18 26.60
C VAL A 871 31.41 7.24 26.30
N VAL A 872 30.96 7.91 27.36
CA VAL A 872 29.98 8.98 27.21
C VAL A 872 30.47 9.96 26.14
N ALA A 873 31.79 10.15 26.10
CA ALA A 873 32.45 11.08 25.18
C ALA A 873 32.42 10.64 23.73
N ILE A 874 32.21 9.36 23.50
CA ILE A 874 32.13 8.83 22.14
C ILE A 874 30.66 8.95 21.73
N ALA A 875 29.80 8.62 22.67
CA ALA A 875 28.41 8.55 22.49
C ALA A 875 27.68 9.84 22.39
N SER A 876 28.39 10.96 22.51
CA SER A 876 27.69 12.23 22.45
C SER A 876 27.85 12.97 21.18
N ASN A 877 28.62 12.42 20.27
CA ASN A 877 28.74 12.98 18.93
C ASN A 877 27.42 12.58 18.21
N ILE A 878 27.27 12.92 16.93
CA ILE A 878 26.16 12.43 16.10
C ILE A 878 26.65 11.00 15.81
N GLY A 879 27.97 10.76 15.86
CA GLY A 879 28.52 9.39 15.72
C GLY A 879 27.57 8.47 16.51
N GLY A 880 27.40 8.73 17.82
CA GLY A 880 26.49 7.99 18.70
C GLY A 880 26.47 6.48 18.80
N LYS A 881 25.26 5.96 18.71
CA LYS A 881 25.01 4.54 18.74
C LYS A 881 25.83 3.78 17.69
N GLN A 882 26.62 4.49 16.88
CA GLN A 882 27.35 3.85 15.78
C GLN A 882 28.85 3.83 15.97
N ALA A 883 29.39 4.93 16.48
CA ALA A 883 30.80 5.00 16.72
C ALA A 883 31.10 4.10 17.93
N LEU A 884 30.18 4.00 18.88
CA LEU A 884 30.37 3.09 20.02
C LEU A 884 30.44 1.61 19.50
N GLU A 885 29.38 1.17 18.78
CA GLU A 885 29.30 -0.21 18.27
C GLU A 885 30.56 -0.62 17.57
N THR A 886 30.96 0.15 16.56
CA THR A 886 32.19 -0.11 15.83
C THR A 886 33.40 -0.15 16.77
N VAL A 887 33.46 0.76 17.75
CA VAL A 887 34.59 0.78 18.67
C VAL A 887 34.79 -0.47 19.51
N GLN A 888 33.73 -1.23 19.78
CA GLN A 888 33.97 -2.52 20.45
C GLN A 888 34.49 -3.46 19.32
N ARG A 889 33.72 -3.60 18.24
CA ARG A 889 34.09 -4.42 17.08
C ARG A 889 35.52 -4.22 16.61
N LEU A 890 36.18 -3.14 17.05
CA LEU A 890 37.54 -2.90 16.56
C LEU A 890 38.62 -2.62 17.63
N LEU A 891 38.21 -2.60 18.89
CA LEU A 891 39.19 -2.44 19.95
C LEU A 891 40.19 -3.61 19.67
N PRO A 892 39.69 -4.87 19.60
CA PRO A 892 40.54 -6.02 19.32
C PRO A 892 41.63 -5.76 18.27
N VAL A 893 41.22 -5.51 17.03
CA VAL A 893 42.16 -5.38 15.92
C VAL A 893 43.17 -4.23 15.90
N LEU A 894 42.68 -3.03 16.19
CA LEU A 894 43.53 -1.84 16.15
C LEU A 894 44.61 -1.73 17.23
N CYS A 895 44.31 -2.23 18.43
CA CYS A 895 45.28 -2.24 19.55
C CYS A 895 46.20 -3.46 19.46
N GLN A 896 45.63 -4.59 19.04
CA GLN A 896 46.40 -5.83 18.89
C GLN A 896 46.99 -6.01 17.47
N ASP A 897 46.14 -6.24 16.47
CA ASP A 897 46.60 -6.45 15.09
C ASP A 897 47.46 -5.33 14.54
N HIS A 898 46.94 -4.12 14.66
CA HIS A 898 47.58 -2.95 14.10
C HIS A 898 48.62 -2.26 15.03
N GLY A 899 48.31 -2.22 16.32
CA GLY A 899 49.19 -1.59 17.30
C GLY A 899 48.78 -0.18 17.70
N LEU A 900 47.72 -0.06 18.50
CA LEU A 900 47.21 1.25 18.90
C LEU A 900 46.86 1.34 20.38
N THR A 901 46.59 2.56 20.85
CA THR A 901 46.30 2.78 22.26
C THR A 901 44.88 3.26 22.51
N LEU A 902 44.20 2.63 23.50
CA LEU A 902 42.82 2.95 23.89
C LEU A 902 42.42 4.43 23.87
N ASP A 903 43.42 5.31 24.08
CA ASP A 903 43.20 6.75 24.12
C ASP A 903 43.37 7.47 22.78
N GLN A 904 43.80 6.69 21.77
CA GLN A 904 43.90 7.17 20.38
C GLN A 904 42.59 6.78 19.69
N VAL A 905 42.14 5.54 19.93
CA VAL A 905 40.89 5.03 19.36
C VAL A 905 39.70 5.91 19.84
N VAL A 906 39.61 6.17 21.15
CA VAL A 906 38.52 6.99 21.66
C VAL A 906 38.60 8.31 20.93
N ALA A 907 39.81 8.86 20.82
CA ALA A 907 39.98 10.15 20.16
C ALA A 907 39.73 10.16 18.63
N ILE A 908 39.26 9.03 18.10
CA ILE A 908 38.82 8.99 16.70
C ILE A 908 37.29 8.68 16.79
N ALA A 909 36.96 7.65 17.56
CA ALA A 909 35.57 7.29 17.83
C ALA A 909 34.86 8.56 18.29
N SER A 910 35.60 9.45 18.93
CA SER A 910 35.05 10.69 19.45
C SER A 910 35.26 11.91 18.52
N ASN A 911 36.15 11.78 17.53
CA ASN A 911 36.33 12.84 16.52
C ASN A 911 35.57 12.40 15.24
N GLY A 912 36.10 11.44 14.48
CA GLY A 912 35.43 11.00 13.27
C GLY A 912 34.63 9.72 13.40
N GLY A 913 34.53 9.21 14.62
CA GLY A 913 33.76 8.02 14.85
C GLY A 913 33.94 6.86 13.90
N LYS A 914 32.80 6.21 13.59
CA LYS A 914 32.75 5.01 12.80
C LYS A 914 33.58 4.93 11.53
N GLN A 915 33.25 5.73 10.54
CA GLN A 915 33.99 5.64 9.29
C GLN A 915 35.45 6.03 9.51
N ALA A 916 35.70 7.18 10.11
CA ALA A 916 37.06 7.59 10.38
C ALA A 916 37.77 6.43 11.11
N LEU A 917 37.05 5.70 11.98
CA LEU A 917 37.61 4.58 12.74
C LEU A 917 38.07 3.44 11.84
N GLU A 918 37.13 2.79 11.15
CA GLU A 918 37.47 1.70 10.26
C GLU A 918 38.46 2.18 9.20
N THR A 919 38.11 3.25 8.48
CA THR A 919 38.96 3.83 7.42
C THR A 919 40.43 4.02 7.85
N VAL A 920 40.65 4.38 9.12
CA VAL A 920 42.01 4.46 9.67
C VAL A 920 42.52 3.01 9.65
N GLN A 921 41.85 2.11 10.39
CA GLN A 921 42.23 0.68 10.49
C GLN A 921 42.53 0.07 9.12
N ARG A 922 41.82 0.55 8.11
CA ARG A 922 41.94 0.05 6.75
C ARG A 922 42.60 1.03 5.74
N LEU A 923 43.55 1.82 6.21
CA LEU A 923 44.30 2.71 5.33
C LEU A 923 45.75 2.84 5.88
N LEU A 924 45.94 2.55 7.16
CA LEU A 924 47.28 2.53 7.77
C LEU A 924 48.29 1.74 6.90
N PRO A 925 47.95 0.53 6.46
CA PRO A 925 48.96 -0.16 5.63
C PRO A 925 49.52 0.71 4.50
N VAL A 926 48.62 1.22 3.66
CA VAL A 926 48.98 1.97 2.46
C VAL A 926 50.08 3.00 2.54
N LEU A 927 49.88 3.99 3.38
CA LEU A 927 50.84 5.07 3.48
C LEU A 927 52.27 4.60 3.81
N CYS A 928 52.37 3.62 4.70
CA CYS A 928 53.66 3.07 5.11
C CYS A 928 54.28 2.16 4.03
N GLN A 929 53.45 1.78 3.05
CA GLN A 929 53.80 0.79 2.05
C GLN A 929 54.30 1.18 0.62
N ASP A 930 53.88 2.34 0.11
CA ASP A 930 54.31 2.76 -1.22
C ASP A 930 55.70 3.40 -1.28
N HIS A 931 55.81 4.61 -0.70
CA HIS A 931 57.09 5.31 -0.60
C HIS A 931 57.14 6.09 0.73
N GLY A 932 57.68 5.40 1.75
CA GLY A 932 57.87 5.94 3.08
C GLY A 932 56.90 6.88 3.80
N LEU A 933 56.24 6.35 4.84
CA LEU A 933 55.35 7.12 5.74
C LEU A 933 55.18 6.42 7.10
N THR A 934 54.69 7.16 8.09
CA THR A 934 54.60 6.64 9.48
C THR A 934 53.24 6.74 10.17
N PRO A 935 52.94 5.77 11.04
CA PRO A 935 51.66 5.75 11.76
C PRO A 935 51.62 6.82 12.85
N ASP A 936 52.56 7.74 12.82
CA ASP A 936 52.63 8.81 13.81
C ASP A 936 51.75 9.99 13.41
N GLN A 937 51.77 10.32 12.13
CA GLN A 937 50.98 11.43 11.60
C GLN A 937 49.62 10.95 11.12
N VAL A 938 49.43 9.64 11.10
CA VAL A 938 48.17 9.06 10.65
C VAL A 938 47.22 8.82 11.81
N VAL A 939 47.33 9.66 12.84
CA VAL A 939 46.49 9.53 14.03
C VAL A 939 46.46 10.84 14.82
N ALA A 940 45.28 11.43 14.95
CA ALA A 940 44.07 10.85 14.37
C ALA A 940 44.15 10.85 12.84
N ILE A 941 44.31 12.03 12.26
CA ILE A 941 44.46 12.19 10.84
C ILE A 941 45.19 13.50 10.74
N ALA A 942 46.21 13.59 11.57
CA ALA A 942 46.81 14.87 11.96
C ALA A 942 46.92 15.82 10.76
N SER A 943 46.63 17.12 10.97
CA SER A 943 46.48 18.09 9.92
C SER A 943 47.64 18.05 8.95
N ASN A 944 47.47 18.28 7.68
CA ASN A 944 48.60 18.04 6.95
C ASN A 944 48.65 16.64 7.36
N SER A 945 49.79 16.05 7.59
CA SER A 945 51.09 16.56 7.61
C SER A 945 51.97 15.89 6.62
N GLY A 946 52.61 16.66 5.73
CA GLY A 946 53.36 16.12 4.60
C GLY A 946 54.87 15.83 4.69
#